data_4JN2
#
_entry.id   4JN2
#
_cell.length_a   74.161
_cell.length_b   223.816
_cell.length_c   157.211
_cell.angle_alpha   90.00
_cell.angle_beta   90.00
_cell.angle_gamma   90.00
#
_symmetry.space_group_name_H-M   'C 2 2 21'
#
loop_
_entity.id
_entity.type
_entity.pdbx_description
1 polymer 'anti dabigatran Fab'
2 polymer 'anti dabigatran Fab'
3 non-polymer N-[(2-{[(4-carbamimidoylphenyl)amino]methyl}-1-methyl-1H-benzimidazol-5-yl)carbonyl]-N-pyridin-2-yl-beta-alanine
4 non-polymer GLYCEROL
5 water water
#
loop_
_entity_poly.entity_id
_entity_poly.type
_entity_poly.pdbx_seq_one_letter_code
_entity_poly.pdbx_strand_id
1 'polypeptide(L)'
;DVVMTQSPLSLPVTLGQPASISCKSSQSLLYTDGKTYLYWFLQRPGQSPRRLIYLVSKLDSGVPDRFSGSGSGTDFTLKI
SRVEAEDVGVYYCLQSTHFPHTFGGGTKVEIKRTVAAPSVFIFPPSDEQLKSGTASVVCLLNNFYPREAKVQWKVDNALQ
SGNSQESVTEQDSKDSTYSLSSTLTLSKADYEKHKVYACEVTHQGLSSPVTKSFNRGEC
;
A,L
2 'polypeptide(L)'
;QVQLQESGPGLVKPSETLSLTCTVSGFSLTSYIVDWIRQPPGKGLEWIGVIWAGGSTGYNSALRSRVSITKDTSKNQFSL
KLSSVTAADTAVYYCASAAYYSYYNYDGFAYWGQGTLVTVSSASTKGPSVFPLAPSSKSTSGGTAALGCLVKDYFPEPVT
VSWNSGALTSGVHTFPAVLQSSGLYSLSSVVTVPSSSLGTQTYICNVNHKPSNTKVDKKVEPKSC
;
B,H
#
loop_
_chem_comp.id
_chem_comp.type
_chem_comp.name
_chem_comp.formula
4CC non-polymer N-[(2-{[(4-carbamimidoylphenyl)amino]methyl}-1-methyl-1H-benzimidazol-5-yl)carbonyl]-N-pyridin-2-yl-beta-alanine 'C25 H25 N7 O3'
GOL non-polymer GLYCEROL 'C3 H8 O3'
#
# COMPACT_ATOMS: atom_id res chain seq x y z
N ASP A 1 33.49 12.36 -8.87
CA ASP A 1 32.92 11.02 -8.76
C ASP A 1 31.57 10.98 -9.44
N VAL A 2 31.26 9.84 -10.07
CA VAL A 2 29.99 9.64 -10.73
C VAL A 2 28.93 9.48 -9.63
N VAL A 3 27.83 10.24 -9.74
CA VAL A 3 26.72 10.15 -8.79
C VAL A 3 25.70 9.20 -9.41
N MET A 4 25.32 8.15 -8.67
CA MET A 4 24.34 7.16 -9.09
C MET A 4 23.06 7.43 -8.30
N THR A 5 22.04 7.96 -8.98
CA THR A 5 20.77 8.31 -8.33
C THR A 5 19.78 7.19 -8.57
N GLN A 6 19.43 6.53 -7.49
CA GLN A 6 18.52 5.41 -7.52
C GLN A 6 17.15 5.83 -7.02
N SER A 7 16.08 5.37 -7.71
CA SER A 7 14.71 5.72 -7.36
CA SER A 7 14.72 5.71 -7.33
C SER A 7 13.75 4.57 -7.65
N PRO A 8 12.70 4.35 -6.84
CA PRO A 8 12.35 5.03 -5.56
C PRO A 8 13.26 4.52 -4.43
N LEU A 9 13.30 5.21 -3.28
CA LEU A 9 14.06 4.74 -2.12
C LEU A 9 13.34 3.53 -1.48
N SER A 10 12.00 3.60 -1.42
CA SER A 10 11.12 2.58 -0.84
C SER A 10 10.16 2.14 -1.94
N LEU A 11 9.96 0.83 -2.08
CA LEU A 11 9.12 0.31 -3.14
C LEU A 11 8.14 -0.76 -2.66
N PRO A 12 6.97 -0.31 -2.16
CA PRO A 12 5.91 -1.28 -1.77
C PRO A 12 5.20 -1.77 -3.05
N VAL A 13 5.07 -3.11 -3.20
CA VAL A 13 4.50 -3.74 -4.41
CA VAL A 13 4.47 -3.70 -4.39
C VAL A 13 3.52 -4.83 -4.01
N THR A 14 2.44 -4.98 -4.80
CA THR A 14 1.47 -6.03 -4.59
C THR A 14 2.09 -7.34 -5.11
N LEU A 15 1.92 -8.44 -4.36
CA LEU A 15 2.46 -9.72 -4.81
C LEU A 15 1.96 -10.07 -6.23
N GLY A 16 2.88 -10.50 -7.11
CA GLY A 16 2.52 -10.89 -8.47
C GLY A 16 2.57 -9.77 -9.48
N GLN A 17 2.70 -8.53 -9.00
CA GLN A 17 2.76 -7.37 -9.90
C GLN A 17 4.19 -7.08 -10.35
N PRO A 18 4.35 -6.35 -11.46
CA PRO A 18 5.72 -5.98 -11.88
C PRO A 18 6.27 -4.85 -11.03
N ALA A 19 7.59 -4.66 -11.06
CA ALA A 19 8.24 -3.56 -10.35
C ALA A 19 9.37 -3.03 -11.22
N SER A 20 9.73 -1.76 -11.03
CA SER A 20 10.76 -1.11 -11.83
C SER A 20 11.62 -0.23 -10.91
N ILE A 21 12.94 -0.38 -11.00
CA ILE A 21 13.88 0.41 -10.20
C ILE A 21 14.76 1.17 -11.16
N SER A 22 14.86 2.49 -10.98
CA SER A 22 15.61 3.37 -11.87
C SER A 22 16.97 3.70 -11.25
N CYS A 23 18.00 3.76 -12.09
CA CYS A 23 19.32 4.15 -11.68
C CYS A 23 19.83 5.12 -12.75
N LYS A 24 20.06 6.39 -12.36
CA LYS A 24 20.52 7.44 -13.28
C LYS A 24 21.93 7.88 -12.89
N SER A 25 22.83 7.89 -13.89
CA SER A 25 24.21 8.27 -13.65
CA SER A 25 24.22 8.25 -13.69
C SER A 25 24.46 9.72 -14.07
N SER A 26 25.38 10.41 -13.35
CA SER A 26 25.71 11.82 -13.67
C SER A 26 26.65 11.93 -14.87
N GLN A 27 27.25 10.80 -15.28
CA GLN A 27 28.16 10.71 -16.43
C GLN A 27 27.84 9.45 -17.23
N SER A 28 28.16 9.45 -18.54
CA SER A 28 28.00 8.29 -19.41
C SER A 28 28.77 7.10 -18.81
N LEU A 29 28.18 5.90 -18.85
CA LEU A 29 28.83 4.71 -18.33
C LEU A 29 29.40 3.84 -19.46
N LEU A 30 29.42 4.37 -20.68
CA LEU A 30 30.00 3.64 -21.81
C LEU A 30 31.53 3.72 -21.76
N TYR A 31 32.18 2.58 -21.57
CA TYR A 31 33.64 2.52 -21.50
C TYR A 31 34.26 2.48 -22.91
N THR A 32 35.58 2.71 -23.01
CA THR A 32 36.31 2.72 -24.28
C THR A 32 36.36 1.35 -25.02
N ASP A 33 36.00 0.26 -24.33
CA ASP A 33 35.94 -1.07 -24.94
C ASP A 33 34.52 -1.38 -25.50
N GLY A 34 33.62 -0.40 -25.44
CA GLY A 34 32.24 -0.51 -25.93
C GLY A 34 31.30 -1.19 -24.95
N LYS A 35 31.79 -1.50 -23.74
CA LYS A 35 31.01 -2.14 -22.69
C LYS A 35 30.57 -1.10 -21.66
N THR A 36 29.41 -1.34 -21.03
CA THR A 36 28.83 -0.46 -20.03
C THR A 36 28.81 -1.24 -18.72
N TYR A 37 29.71 -0.87 -17.78
CA TYR A 37 29.88 -1.56 -16.52
C TYR A 37 28.89 -1.10 -15.47
N LEU A 38 27.63 -1.52 -15.66
CA LEU A 38 26.51 -1.23 -14.78
C LEU A 38 26.01 -2.58 -14.23
N TYR A 39 26.01 -2.71 -12.90
CA TYR A 39 25.61 -3.94 -12.23
C TYR A 39 24.42 -3.71 -11.31
N TRP A 40 23.69 -4.79 -10.98
CA TRP A 40 22.61 -4.74 -10.00
C TRP A 40 22.81 -5.85 -8.98
N PHE A 41 22.54 -5.54 -7.71
CA PHE A 41 22.63 -6.51 -6.61
C PHE A 41 21.37 -6.49 -5.78
N LEU A 42 21.11 -7.62 -5.11
CA LEU A 42 20.05 -7.71 -4.11
C LEU A 42 20.74 -8.09 -2.82
N GLN A 43 20.45 -7.33 -1.76
CA GLN A 43 20.95 -7.62 -0.44
C GLN A 43 19.74 -8.01 0.42
N ARG A 44 19.65 -9.31 0.70
CA ARG A 44 18.57 -9.84 1.56
C ARG A 44 18.94 -9.57 3.01
N PRO A 45 17.96 -9.50 3.95
CA PRO A 45 18.30 -9.20 5.36
C PRO A 45 19.33 -10.16 5.96
N GLY A 46 20.35 -9.58 6.58
CA GLY A 46 21.45 -10.29 7.24
C GLY A 46 22.43 -10.99 6.30
N GLN A 47 22.28 -10.78 4.98
CA GLN A 47 23.13 -11.43 3.97
C GLN A 47 24.00 -10.44 3.23
N SER A 48 24.99 -10.97 2.51
CA SER A 48 25.87 -10.15 1.69
C SER A 48 25.11 -9.75 0.41
N PRO A 49 25.47 -8.63 -0.27
CA PRO A 49 24.85 -8.36 -1.58
C PRO A 49 25.14 -9.53 -2.53
N ARG A 50 24.16 -9.87 -3.38
CA ARG A 50 24.29 -10.96 -4.34
C ARG A 50 24.03 -10.35 -5.72
N ARG A 51 24.92 -10.62 -6.69
CA ARG A 51 24.73 -10.05 -8.01
C ARG A 51 23.56 -10.65 -8.77
N LEU A 52 22.77 -9.79 -9.42
CA LEU A 52 21.66 -10.20 -10.26
C LEU A 52 22.02 -10.00 -11.73
N ILE A 53 22.55 -8.80 -12.06
CA ILE A 53 22.80 -8.38 -13.43
C ILE A 53 24.17 -7.74 -13.54
N TYR A 54 24.82 -7.92 -14.69
CA TYR A 54 26.06 -7.26 -15.01
C TYR A 54 25.95 -6.81 -16.47
N LEU A 55 26.79 -5.85 -16.87
CA LEU A 55 26.78 -5.32 -18.24
C LEU A 55 25.37 -4.90 -18.67
N VAL A 56 24.68 -4.19 -17.76
CA VAL A 56 23.34 -3.62 -17.94
C VAL A 56 22.19 -4.62 -17.97
N SER A 57 22.33 -5.69 -18.78
CA SER A 57 21.24 -6.62 -19.08
C SER A 57 21.53 -8.09 -18.96
N LYS A 58 22.78 -8.45 -18.61
CA LYS A 58 23.12 -9.87 -18.54
C LYS A 58 22.79 -10.45 -17.17
N LEU A 59 22.02 -11.55 -17.15
CA LEU A 59 21.63 -12.21 -15.91
C LEU A 59 22.73 -13.18 -15.46
N ASP A 60 23.05 -13.17 -14.16
CA ASP A 60 23.99 -14.14 -13.62
C ASP A 60 23.33 -15.52 -13.58
N SER A 61 24.13 -16.59 -13.66
CA SER A 61 23.62 -17.97 -13.59
C SER A 61 22.84 -18.16 -12.28
N GLY A 62 21.69 -18.81 -12.37
CA GLY A 62 20.86 -19.07 -11.19
C GLY A 62 19.88 -17.97 -10.83
N VAL A 63 20.00 -16.79 -11.46
CA VAL A 63 19.09 -15.68 -11.16
C VAL A 63 17.77 -15.93 -11.92
N PRO A 64 16.60 -15.85 -11.24
CA PRO A 64 15.33 -16.10 -11.95
C PRO A 64 15.11 -15.15 -13.12
N ASP A 65 14.50 -15.67 -14.19
CA ASP A 65 14.21 -14.92 -15.43
C ASP A 65 13.21 -13.77 -15.25
N ARG A 66 12.60 -13.65 -14.05
CA ARG A 66 11.66 -12.57 -13.70
CA ARG A 66 11.66 -12.57 -13.72
C ARG A 66 12.45 -11.25 -13.64
N PHE A 67 13.80 -11.33 -13.44
CA PHE A 67 14.65 -10.15 -13.37
C PHE A 67 15.21 -9.84 -14.74
N SER A 68 15.24 -8.54 -15.09
CA SER A 68 15.84 -8.08 -16.34
C SER A 68 16.39 -6.67 -16.15
N GLY A 69 17.37 -6.32 -16.96
CA GLY A 69 17.99 -5.02 -16.91
C GLY A 69 18.00 -4.37 -18.26
N SER A 70 17.84 -3.05 -18.30
CA SER A 70 17.91 -2.31 -19.56
C SER A 70 18.48 -0.93 -19.34
N GLY A 71 18.71 -0.24 -20.44
CA GLY A 71 19.24 1.11 -20.40
C GLY A 71 20.48 1.29 -21.21
N SER A 72 20.95 2.55 -21.26
CA SER A 72 22.15 2.94 -21.99
C SER A 72 22.58 4.31 -21.51
N GLY A 73 23.85 4.62 -21.71
CA GLY A 73 24.46 5.89 -21.37
C GLY A 73 24.32 6.30 -19.92
N THR A 74 23.21 7.00 -19.59
CA THR A 74 22.98 7.48 -18.22
C THR A 74 21.70 6.99 -17.51
N ASP A 75 20.73 6.41 -18.22
N ASP A 75 20.77 6.39 -18.24
CA ASP A 75 19.47 5.94 -17.59
CA ASP A 75 19.51 5.92 -17.69
C ASP A 75 19.31 4.43 -17.65
C ASP A 75 19.45 4.39 -17.67
N PHE A 76 19.26 3.78 -16.48
CA PHE A 76 19.19 2.32 -16.36
C PHE A 76 18.01 1.88 -15.54
N THR A 77 17.50 0.68 -15.82
CA THR A 77 16.34 0.14 -15.12
C THR A 77 16.48 -1.34 -14.83
N LEU A 78 16.12 -1.73 -13.61
CA LEU A 78 16.00 -3.13 -13.21
C LEU A 78 14.50 -3.38 -13.14
N LYS A 79 14.04 -4.42 -13.82
CA LYS A 79 12.62 -4.76 -13.82
C LYS A 79 12.41 -6.15 -13.23
N ILE A 80 11.31 -6.33 -12.49
CA ILE A 80 10.91 -7.63 -11.96
C ILE A 80 9.54 -7.85 -12.63
N SER A 81 9.40 -8.91 -13.45
CA SER A 81 8.14 -9.12 -14.19
C SER A 81 6.94 -9.37 -13.28
N ARG A 82 7.14 -10.18 -12.21
CA ARG A 82 6.11 -10.55 -11.22
C ARG A 82 6.84 -10.71 -9.91
N VAL A 83 6.61 -9.80 -8.96
CA VAL A 83 7.29 -9.83 -7.66
C VAL A 83 6.78 -11.02 -6.83
N GLU A 84 7.73 -11.73 -6.19
CA GLU A 84 7.49 -12.84 -5.27
C GLU A 84 7.91 -12.42 -3.86
N ALA A 85 7.39 -13.09 -2.81
CA ALA A 85 7.68 -12.74 -1.41
C ALA A 85 9.18 -12.72 -1.11
N GLU A 86 9.94 -13.65 -1.72
CA GLU A 86 11.39 -13.75 -1.51
C GLU A 86 12.22 -12.62 -2.17
N ASP A 87 11.56 -11.72 -2.93
CA ASP A 87 12.25 -10.61 -3.60
C ASP A 87 12.49 -9.41 -2.67
N VAL A 88 11.98 -9.49 -1.43
CA VAL A 88 12.15 -8.38 -0.48
C VAL A 88 13.61 -8.22 -0.06
N GLY A 89 13.99 -6.97 0.15
CA GLY A 89 15.36 -6.62 0.52
C GLY A 89 15.77 -5.34 -0.15
N VAL A 90 17.09 -5.06 -0.19
CA VAL A 90 17.57 -3.81 -0.74
C VAL A 90 18.33 -4.05 -2.03
N TYR A 91 17.92 -3.38 -3.10
CA TYR A 91 18.55 -3.50 -4.40
C TYR A 91 19.50 -2.32 -4.60
N TYR A 92 20.70 -2.59 -5.13
CA TYR A 92 21.68 -1.55 -5.39
C TYR A 92 22.18 -1.62 -6.82
N CYS A 93 22.35 -0.45 -7.46
CA CYS A 93 23.04 -0.40 -8.75
C CYS A 93 24.48 0.03 -8.46
N LEU A 94 25.40 -0.30 -9.36
CA LEU A 94 26.80 0.04 -9.22
C LEU A 94 27.36 0.32 -10.59
N GLN A 95 28.24 1.34 -10.69
CA GLN A 95 28.97 1.60 -11.92
C GLN A 95 30.45 1.36 -11.64
N SER A 96 31.15 0.70 -12.57
CA SER A 96 32.61 0.54 -12.49
C SER A 96 33.30 1.00 -13.77
N THR A 97 32.60 1.81 -14.61
CA THR A 97 33.22 2.37 -15.83
C THR A 97 34.24 3.44 -15.43
N HIS A 98 33.95 4.14 -14.32
CA HIS A 98 34.79 5.21 -13.81
C HIS A 98 35.30 4.92 -12.41
N PHE A 99 36.51 5.42 -12.13
CA PHE A 99 37.12 5.35 -10.80
C PHE A 99 36.90 6.72 -10.14
N PRO A 100 36.47 6.78 -8.86
CA PRO A 100 36.11 5.63 -7.99
C PRO A 100 34.78 5.01 -8.40
N HIS A 101 34.64 3.71 -8.18
CA HIS A 101 33.38 3.03 -8.48
C HIS A 101 32.35 3.50 -7.47
N THR A 102 31.10 3.69 -7.90
CA THR A 102 30.07 4.23 -7.03
C THR A 102 28.77 3.48 -7.14
N PHE A 103 28.09 3.34 -5.99
CA PHE A 103 26.80 2.65 -5.87
C PHE A 103 25.66 3.66 -5.77
N GLY A 104 24.47 3.22 -6.18
CA GLY A 104 23.24 3.95 -5.94
C GLY A 104 22.93 3.81 -4.45
N GLY A 105 22.00 4.63 -3.94
CA GLY A 105 21.66 4.65 -2.52
C GLY A 105 20.83 3.48 -2.01
N GLY A 106 20.34 2.65 -2.92
CA GLY A 106 19.53 1.48 -2.58
C GLY A 106 18.05 1.73 -2.70
N THR A 107 17.30 0.67 -2.97
CA THR A 107 15.83 0.66 -3.07
C THR A 107 15.35 -0.53 -2.25
N LYS A 108 14.50 -0.28 -1.23
CA LYS A 108 14.01 -1.39 -0.43
C LYS A 108 12.65 -1.83 -0.95
N VAL A 109 12.57 -3.06 -1.47
CA VAL A 109 11.30 -3.61 -1.98
C VAL A 109 10.57 -4.23 -0.78
N GLU A 110 9.29 -3.87 -0.66
CA GLU A 110 8.40 -4.34 0.40
C GLU A 110 7.15 -4.93 -0.24
N ILE A 111 6.68 -6.07 0.28
CA ILE A 111 5.44 -6.65 -0.22
C ILE A 111 4.31 -5.96 0.54
N LYS A 112 3.34 -5.41 -0.19
CA LYS A 112 2.17 -4.83 0.45
C LYS A 112 1.15 -5.98 0.55
N ARG A 113 1.15 -6.64 1.70
CA ARG A 113 0.23 -7.77 1.96
C ARG A 113 -0.99 -7.30 2.76
N THR A 114 -1.90 -8.22 3.11
CA THR A 114 -3.10 -7.90 3.89
C THR A 114 -2.69 -7.49 5.32
N VAL A 115 -3.56 -6.76 6.01
CA VAL A 115 -3.31 -6.36 7.39
C VAL A 115 -3.26 -7.65 8.25
N ALA A 116 -2.27 -7.72 9.14
CA ALA A 116 -2.13 -8.87 10.05
C ALA A 116 -1.91 -8.30 11.43
N ALA A 117 -2.79 -8.64 12.35
CA ALA A 117 -2.68 -8.17 13.72
C ALA A 117 -1.50 -8.86 14.39
N PRO A 118 -0.76 -8.18 15.26
CA PRO A 118 0.31 -8.89 15.98
C PRO A 118 -0.26 -9.75 17.09
N SER A 119 0.47 -10.82 17.41
CA SER A 119 0.20 -11.64 18.57
C SER A 119 1.12 -11.02 19.62
N VAL A 120 0.59 -10.70 20.80
CA VAL A 120 1.35 -9.99 21.83
C VAL A 120 1.68 -10.94 22.98
N PHE A 121 2.95 -10.91 23.42
CA PHE A 121 3.43 -11.76 24.51
C PHE A 121 4.28 -10.92 25.46
N ILE A 122 4.14 -11.16 26.76
CA ILE A 122 4.94 -10.45 27.76
C ILE A 122 5.75 -11.44 28.58
N PHE A 123 6.99 -11.06 28.90
CA PHE A 123 7.90 -11.88 29.68
C PHE A 123 8.44 -11.13 30.87
N PRO A 124 8.22 -11.67 32.09
CA PRO A 124 8.79 -11.05 33.28
C PRO A 124 10.30 -11.27 33.31
N PRO A 125 11.08 -10.52 34.13
CA PRO A 125 12.51 -10.85 34.25
C PRO A 125 12.69 -12.21 34.91
N SER A 126 13.77 -12.91 34.55
CA SER A 126 14.10 -14.21 35.11
C SER A 126 14.64 -14.01 36.53
N ASP A 127 14.49 -15.04 37.40
CA ASP A 127 15.06 -14.98 38.74
C ASP A 127 16.59 -14.87 38.67
N GLU A 128 17.20 -15.52 37.66
CA GLU A 128 18.65 -15.49 37.38
C GLU A 128 19.13 -14.04 37.19
N GLN A 129 18.40 -13.25 36.38
CA GLN A 129 18.77 -11.84 36.14
C GLN A 129 18.57 -11.00 37.39
N LEU A 130 17.46 -11.21 38.11
CA LEU A 130 17.15 -10.44 39.33
C LEU A 130 18.26 -10.52 40.38
N LYS A 131 18.96 -11.68 40.47
CA LYS A 131 20.10 -11.91 41.36
C LYS A 131 21.25 -10.92 41.09
N SER A 132 21.41 -10.49 39.82
CA SER A 132 22.46 -9.56 39.39
C SER A 132 22.14 -8.06 39.56
N GLY A 133 20.94 -7.73 40.06
CA GLY A 133 20.55 -6.36 40.34
C GLY A 133 19.79 -5.59 39.28
N THR A 134 19.48 -6.23 38.13
CA THR A 134 18.74 -5.59 37.05
C THR A 134 17.53 -6.42 36.65
N ALA A 135 16.48 -5.75 36.15
CA ALA A 135 15.25 -6.39 35.68
C ALA A 135 14.94 -5.93 34.26
N SER A 136 14.89 -6.88 33.33
CA SER A 136 14.52 -6.60 31.95
C SER A 136 13.14 -7.24 31.73
N VAL A 137 12.16 -6.43 31.31
CA VAL A 137 10.80 -6.91 31.02
C VAL A 137 10.66 -6.84 29.50
N VAL A 138 10.25 -7.95 28.86
CA VAL A 138 10.20 -7.98 27.39
C VAL A 138 8.78 -8.13 26.86
N CYS A 139 8.43 -7.32 25.87
CA CYS A 139 7.14 -7.39 25.19
C CYS A 139 7.42 -7.74 23.72
N LEU A 140 6.79 -8.80 23.23
CA LEU A 140 6.97 -9.26 21.87
C LEU A 140 5.69 -9.04 21.06
N LEU A 141 5.81 -8.45 19.85
CA LEU A 141 4.72 -8.25 18.89
C LEU A 141 5.11 -9.12 17.72
N ASN A 142 4.39 -10.23 17.52
CA ASN A 142 4.77 -11.19 16.50
C ASN A 142 3.96 -11.17 15.23
N ASN A 143 4.66 -11.21 14.08
CA ASN A 143 4.09 -11.40 12.74
C ASN A 143 2.94 -10.48 12.37
N PHE A 144 3.24 -9.19 12.29
CA PHE A 144 2.23 -8.20 11.95
C PHE A 144 2.54 -7.47 10.66
N TYR A 145 1.51 -6.83 10.11
CA TYR A 145 1.63 -6.01 8.92
C TYR A 145 0.49 -4.98 8.95
N PRO A 146 0.74 -3.67 8.67
CA PRO A 146 2.00 -3.02 8.30
C PRO A 146 2.97 -2.84 9.47
N ARG A 147 4.14 -2.28 9.16
CA ARG A 147 5.24 -2.08 10.11
C ARG A 147 4.88 -1.17 11.30
N GLU A 148 4.01 -0.17 11.07
CA GLU A 148 3.62 0.81 12.08
C GLU A 148 2.96 0.18 13.28
N ALA A 149 3.58 0.34 14.46
CA ALA A 149 3.07 -0.21 15.72
C ALA A 149 3.57 0.66 16.86
N LYS A 150 2.79 0.75 17.92
CA LYS A 150 3.14 1.52 19.10
C LYS A 150 3.09 0.64 20.33
N VAL A 151 4.16 0.67 21.13
CA VAL A 151 4.25 -0.08 22.38
C VAL A 151 4.35 0.94 23.51
N GLN A 152 3.45 0.81 24.50
CA GLN A 152 3.45 1.66 25.66
C GLN A 152 3.55 0.82 26.93
N TRP A 153 4.59 1.09 27.73
CA TRP A 153 4.83 0.37 28.98
C TRP A 153 4.12 1.10 30.13
N LYS A 154 3.43 0.34 30.99
CA LYS A 154 2.75 0.84 32.18
C LYS A 154 3.19 0.02 33.38
N VAL A 155 3.56 0.71 34.47
CA VAL A 155 3.98 0.07 35.72
C VAL A 155 3.06 0.61 36.80
N ASP A 156 2.15 -0.25 37.32
CA ASP A 156 1.09 0.11 38.28
C ASP A 156 0.27 1.27 37.72
N ASN A 157 -0.05 1.18 36.41
CA ASN A 157 -0.79 2.17 35.63
C ASN A 157 -0.07 3.54 35.41
N ALA A 158 1.23 3.63 35.73
CA ALA A 158 2.03 4.84 35.49
C ALA A 158 2.78 4.66 34.17
N LEU A 159 2.59 5.62 33.24
CA LEU A 159 3.20 5.61 31.91
C LEU A 159 4.70 5.74 31.98
N GLN A 160 5.42 4.79 31.36
CA GLN A 160 6.88 4.78 31.37
C GLN A 160 7.46 5.62 30.25
N SER A 161 8.59 6.28 30.49
CA SER A 161 9.27 7.11 29.49
C SER A 161 10.78 7.11 29.67
N GLY A 162 11.51 6.85 28.58
CA GLY A 162 12.96 6.86 28.55
C GLY A 162 13.68 5.64 29.12
N ASN A 163 12.95 4.59 29.51
CA ASN A 163 13.55 3.38 30.10
C ASN A 163 13.26 2.12 29.27
N SER A 164 12.95 2.30 27.99
CA SER A 164 12.71 1.18 27.09
C SER A 164 13.43 1.35 25.76
N GLN A 165 13.75 0.22 25.12
CA GLN A 165 14.38 0.19 23.79
C GLN A 165 13.67 -0.87 22.99
N GLU A 166 13.54 -0.63 21.69
CA GLU A 166 12.90 -1.61 20.84
C GLU A 166 13.68 -1.84 19.56
N SER A 167 13.43 -2.99 18.95
CA SER A 167 13.97 -3.30 17.64
CA SER A 167 14.04 -3.41 17.70
C SER A 167 13.00 -4.12 16.86
N VAL A 168 13.07 -3.97 15.52
CA VAL A 168 12.14 -4.59 14.59
C VAL A 168 12.89 -5.41 13.58
N THR A 169 12.32 -6.56 13.21
CA THR A 169 12.93 -7.41 12.18
C THR A 169 12.65 -6.79 10.81
N GLU A 170 13.41 -7.25 9.80
CA GLU A 170 13.15 -6.84 8.44
C GLU A 170 11.94 -7.67 7.99
N GLN A 171 11.26 -7.25 6.92
CA GLN A 171 10.10 -7.99 6.42
C GLN A 171 10.46 -9.43 6.08
N ASP A 172 9.67 -10.39 6.61
CA ASP A 172 9.91 -11.82 6.42
C ASP A 172 9.81 -12.21 4.93
N SER A 173 10.79 -13.00 4.44
CA SER A 173 10.83 -13.41 3.02
C SER A 173 9.72 -14.40 2.62
N LYS A 174 9.01 -15.00 3.61
CA LYS A 174 7.95 -15.97 3.34
C LYS A 174 6.55 -15.43 3.55
N ASP A 175 6.26 -14.86 4.75
CA ASP A 175 4.92 -14.35 5.07
C ASP A 175 4.76 -12.83 4.99
N SER A 176 5.86 -12.11 4.64
CA SER A 176 5.83 -10.66 4.45
C SER A 176 5.42 -9.86 5.72
N THR A 177 5.66 -10.44 6.92
CA THR A 177 5.31 -9.72 8.14
C THR A 177 6.58 -9.18 8.84
N TYR A 178 6.33 -8.40 9.90
CA TYR A 178 7.37 -7.84 10.77
C TYR A 178 7.13 -8.35 12.18
N SER A 179 8.20 -8.36 13.00
CA SER A 179 8.07 -8.65 14.42
C SER A 179 8.84 -7.57 15.17
N LEU A 180 8.44 -7.29 16.42
CA LEU A 180 9.07 -6.23 17.21
C LEU A 180 9.24 -6.71 18.64
N SER A 181 10.36 -6.34 19.24
CA SER A 181 10.69 -6.66 20.63
C SER A 181 10.94 -5.33 21.36
N SER A 182 10.30 -5.14 22.52
CA SER A 182 10.50 -3.94 23.34
C SER A 182 10.94 -4.40 24.71
N THR A 183 12.04 -3.82 25.22
CA THR A 183 12.56 -4.19 26.53
C THR A 183 12.50 -2.99 27.46
N LEU A 184 11.85 -3.18 28.60
CA LEU A 184 11.76 -2.20 29.68
C LEU A 184 12.83 -2.59 30.70
N THR A 185 13.74 -1.67 31.01
CA THR A 185 14.83 -1.95 31.94
C THR A 185 14.69 -1.11 33.21
N LEU A 186 14.70 -1.79 34.36
CA LEU A 186 14.62 -1.16 35.66
C LEU A 186 15.66 -1.77 36.57
N SER A 187 16.04 -1.04 37.63
CA SER A 187 16.92 -1.62 38.64
C SER A 187 16.06 -2.64 39.41
N LYS A 188 16.69 -3.63 40.06
CA LYS A 188 15.97 -4.61 40.87
C LYS A 188 15.13 -3.90 41.96
N ALA A 189 15.70 -2.84 42.59
CA ALA A 189 15.02 -2.05 43.63
C ALA A 189 13.75 -1.39 43.11
N ASP A 190 13.79 -0.79 41.90
CA ASP A 190 12.61 -0.16 41.29
C ASP A 190 11.59 -1.20 40.88
N TYR A 191 12.05 -2.34 40.35
CA TYR A 191 11.19 -3.45 39.94
C TYR A 191 10.39 -3.99 41.13
N GLU A 192 11.05 -4.18 42.28
CA GLU A 192 10.45 -4.71 43.51
C GLU A 192 9.46 -3.77 44.19
N LYS A 193 9.46 -2.48 43.79
CA LYS A 193 8.57 -1.46 44.35
C LYS A 193 7.17 -1.50 43.74
N HIS A 194 7.01 -2.19 42.60
CA HIS A 194 5.75 -2.22 41.88
C HIS A 194 5.19 -3.61 41.62
N LYS A 195 3.87 -3.69 41.35
CA LYS A 195 3.18 -4.97 41.15
C LYS A 195 2.83 -5.29 39.70
N VAL A 196 2.02 -4.45 39.06
CA VAL A 196 1.49 -4.66 37.71
C VAL A 196 2.40 -4.10 36.64
N TYR A 197 2.88 -5.00 35.75
CA TYR A 197 3.72 -4.66 34.61
C TYR A 197 2.93 -4.96 33.38
N ALA A 198 2.74 -3.93 32.55
CA ALA A 198 1.91 -4.08 31.35
C ALA A 198 2.47 -3.45 30.12
N CYS A 199 2.31 -4.11 28.96
N CYS A 199 2.20 -4.09 28.99
CA CYS A 199 2.68 -3.53 27.67
CA CYS A 199 2.60 -3.66 27.67
C CYS A 199 1.42 -3.43 26.81
C CYS A 199 1.31 -3.44 26.89
N GLU A 200 1.08 -2.20 26.40
CA GLU A 200 -0.11 -1.86 25.62
C GLU A 200 0.31 -1.63 24.17
N VAL A 201 -0.32 -2.40 23.27
CA VAL A 201 -0.01 -2.38 21.85
C VAL A 201 -1.15 -1.80 21.01
N THR A 202 -0.79 -0.86 20.14
CA THR A 202 -1.70 -0.22 19.17
C THR A 202 -1.19 -0.58 17.76
N HIS A 203 -2.09 -1.10 16.92
CA HIS A 203 -1.81 -1.51 15.54
C HIS A 203 -3.12 -1.55 14.74
N GLN A 204 -3.03 -1.32 13.40
CA GLN A 204 -4.17 -1.32 12.45
C GLN A 204 -5.00 -2.61 12.49
N GLY A 205 -4.34 -3.73 12.74
CA GLY A 205 -4.99 -5.04 12.81
C GLY A 205 -5.81 -5.27 14.06
N LEU A 206 -5.66 -4.37 15.06
CA LEU A 206 -6.33 -4.49 16.36
C LEU A 206 -7.46 -3.47 16.45
N SER A 207 -8.71 -3.96 16.62
CA SER A 207 -9.93 -3.14 16.72
C SER A 207 -9.84 -2.16 17.90
N SER A 208 -9.16 -2.59 18.97
CA SER A 208 -8.89 -1.80 20.17
C SER A 208 -7.49 -2.20 20.68
N PRO A 209 -6.72 -1.30 21.37
CA PRO A 209 -5.37 -1.68 21.84
C PRO A 209 -5.37 -2.90 22.76
N VAL A 210 -4.35 -3.74 22.60
CA VAL A 210 -4.20 -4.98 23.35
C VAL A 210 -3.17 -4.79 24.47
N THR A 211 -3.57 -5.13 25.70
CA THR A 211 -2.68 -5.06 26.86
C THR A 211 -2.39 -6.47 27.36
N LYS A 212 -1.08 -6.78 27.51
CA LYS A 212 -0.62 -8.03 28.11
C LYS A 212 0.07 -7.61 29.39
N SER A 213 -0.23 -8.28 30.49
CA SER A 213 0.31 -7.92 31.78
C SER A 213 0.57 -9.10 32.68
N PHE A 214 1.33 -8.86 33.76
CA PHE A 214 1.59 -9.83 34.81
C PHE A 214 1.77 -9.09 36.12
N ASN A 215 1.59 -9.81 37.23
CA ASN A 215 1.81 -9.29 38.57
C ASN A 215 3.13 -9.87 39.03
N ARG A 216 4.06 -9.01 39.44
CA ARG A 216 5.38 -9.42 39.91
C ARG A 216 5.32 -10.53 40.96
N GLY A 217 6.13 -11.57 40.77
CA GLY A 217 6.22 -12.68 41.72
C GLY A 217 5.29 -13.86 41.48
N GLU A 218 4.15 -13.64 40.79
CA GLU A 218 3.19 -14.71 40.48
C GLU A 218 3.74 -15.63 39.38
N CYS A 219 3.61 -16.96 39.53
CA CYS A 219 4.13 -17.90 38.54
C CYS A 219 3.14 -18.09 37.39
N VAL B 2 33.07 -20.76 -7.24
CA VAL B 2 33.93 -19.79 -6.56
C VAL B 2 33.42 -19.53 -5.14
N GLN B 3 34.29 -19.74 -4.14
CA GLN B 3 33.99 -19.49 -2.73
C GLN B 3 35.00 -18.48 -2.19
N LEU B 4 34.54 -17.51 -1.38
CA LEU B 4 35.40 -16.49 -0.77
C LEU B 4 35.36 -16.59 0.75
N GLN B 5 36.53 -16.74 1.36
CA GLN B 5 36.67 -16.82 2.82
C GLN B 5 37.27 -15.51 3.32
N GLU B 6 36.55 -14.83 4.21
CA GLU B 6 36.97 -13.56 4.78
C GLU B 6 37.37 -13.75 6.24
N SER B 7 38.50 -13.15 6.66
CA SER B 7 39.02 -13.25 8.02
C SER B 7 39.59 -11.93 8.53
N GLY B 8 39.61 -11.81 9.86
CA GLY B 8 40.21 -10.65 10.51
C GLY B 8 39.53 -10.22 11.78
N PRO B 9 40.24 -9.41 12.59
CA PRO B 9 39.66 -8.93 13.85
C PRO B 9 38.40 -8.10 13.67
N GLY B 10 37.40 -8.37 14.49
CA GLY B 10 36.13 -7.66 14.46
C GLY B 10 36.12 -6.43 15.35
N LEU B 11 37.23 -6.19 16.08
CA LEU B 11 37.41 -5.05 16.99
C LEU B 11 38.80 -4.46 16.75
N VAL B 12 38.87 -3.14 16.48
CA VAL B 12 40.13 -2.42 16.24
C VAL B 12 40.10 -1.13 17.07
N LYS B 13 41.21 -0.80 17.73
CA LYS B 13 41.27 0.43 18.51
C LYS B 13 41.42 1.66 17.63
N PRO B 14 40.83 2.83 18.01
CA PRO B 14 41.04 4.05 17.22
C PRO B 14 42.52 4.37 17.09
N SER B 15 42.92 4.88 15.90
CA SER B 15 44.28 5.23 15.46
C SER B 15 45.09 4.03 14.96
N GLU B 16 44.60 2.81 15.23
CA GLU B 16 45.31 1.59 14.83
C GLU B 16 44.95 1.15 13.41
N THR B 17 45.58 0.07 12.93
CA THR B 17 45.38 -0.42 11.57
C THR B 17 44.40 -1.58 11.53
N LEU B 18 43.41 -1.47 10.62
CA LEU B 18 42.40 -2.49 10.36
C LEU B 18 43.03 -3.41 9.31
N SER B 19 43.06 -4.73 9.57
CA SER B 19 43.63 -5.70 8.63
C SER B 19 42.63 -6.81 8.39
N LEU B 20 42.31 -7.04 7.10
CA LEU B 20 41.40 -8.11 6.72
C LEU B 20 42.01 -8.97 5.63
N THR B 21 41.62 -10.25 5.58
CA THR B 21 42.14 -11.21 4.62
C THR B 21 41.00 -11.87 3.85
N CYS B 22 41.21 -12.09 2.55
CA CYS B 22 40.22 -12.70 1.65
C CYS B 22 40.87 -13.80 0.83
N THR B 23 40.39 -15.03 0.96
CA THR B 23 40.94 -16.16 0.22
C THR B 23 39.92 -16.68 -0.77
N VAL B 24 40.33 -16.79 -2.04
CA VAL B 24 39.49 -17.25 -3.14
C VAL B 24 39.84 -18.71 -3.45
N SER B 25 38.82 -19.59 -3.52
CA SER B 25 39.04 -21.00 -3.84
C SER B 25 38.32 -21.40 -5.12
N THR B 30 42.89 -18.26 -11.60
CA THR B 30 41.94 -18.26 -12.73
C THR B 30 42.28 -17.33 -13.91
N SER B 31 42.77 -16.06 -13.71
CA SER B 31 43.05 -15.36 -12.46
C SER B 31 41.83 -14.53 -12.03
N TYR B 32 41.97 -13.75 -10.94
CA TYR B 32 40.87 -12.95 -10.39
C TYR B 32 41.17 -11.48 -10.22
N ILE B 33 40.12 -10.66 -10.28
CA ILE B 33 40.13 -9.26 -9.91
C ILE B 33 39.39 -9.28 -8.58
N VAL B 34 39.94 -8.58 -7.58
CA VAL B 34 39.33 -8.52 -6.25
C VAL B 34 39.04 -7.08 -5.86
N ASP B 35 37.80 -6.82 -5.43
CA ASP B 35 37.36 -5.52 -4.98
C ASP B 35 36.97 -5.61 -3.52
N TRP B 36 37.13 -4.50 -2.78
CA TRP B 36 36.73 -4.39 -1.38
C TRP B 36 35.65 -3.32 -1.28
N ILE B 37 34.61 -3.61 -0.50
CA ILE B 37 33.43 -2.75 -0.34
C ILE B 37 33.10 -2.72 1.17
N ARG B 38 32.52 -1.63 1.65
CA ARG B 38 32.09 -1.59 3.06
C ARG B 38 30.71 -1.02 3.18
N GLN B 39 30.07 -1.32 4.31
CA GLN B 39 28.72 -0.90 4.57
C GLN B 39 28.59 -0.52 6.05
N PRO B 40 28.59 0.79 6.38
CA PRO B 40 28.38 1.19 7.78
C PRO B 40 27.01 0.72 8.26
N PRO B 41 26.84 0.40 9.57
CA PRO B 41 25.55 -0.12 10.04
C PRO B 41 24.36 0.73 9.61
N GLY B 42 23.37 0.06 9.01
CA GLY B 42 22.13 0.66 8.53
C GLY B 42 22.26 1.59 7.34
N LYS B 43 23.45 1.62 6.68
CA LYS B 43 23.68 2.51 5.54
C LYS B 43 23.97 1.73 4.24
N GLY B 44 24.30 2.47 3.18
CA GLY B 44 24.57 1.91 1.87
C GLY B 44 25.98 1.38 1.69
N LEU B 45 26.29 0.98 0.45
CA LEU B 45 27.59 0.41 0.07
C LEU B 45 28.55 1.46 -0.44
N GLU B 46 29.81 1.34 -0.05
CA GLU B 46 30.90 2.22 -0.46
C GLU B 46 32.05 1.36 -0.98
N TRP B 47 32.50 1.65 -2.21
CA TRP B 47 33.62 0.92 -2.81
C TRP B 47 34.92 1.46 -2.21
N ILE B 48 35.83 0.54 -1.82
CA ILE B 48 37.11 0.88 -1.18
C ILE B 48 38.26 0.88 -2.16
N GLY B 49 38.41 -0.21 -2.88
CA GLY B 49 39.53 -0.37 -3.79
C GLY B 49 39.49 -1.67 -4.55
N VAL B 50 40.40 -1.79 -5.51
CA VAL B 50 40.54 -2.95 -6.38
C VAL B 50 42.00 -3.35 -6.53
N ILE B 51 42.24 -4.67 -6.69
CA ILE B 51 43.52 -5.22 -7.09
C ILE B 51 43.24 -6.03 -8.36
N TRP B 52 43.88 -5.62 -9.46
CA TRP B 52 43.69 -6.24 -10.76
C TRP B 52 44.49 -7.51 -10.89
N ALA B 53 44.20 -8.31 -11.94
CA ALA B 53 45.01 -9.48 -12.27
C ALA B 53 46.35 -8.87 -12.75
N GLY B 54 47.44 -9.24 -12.09
CA GLY B 54 48.75 -8.66 -12.38
C GLY B 54 49.25 -7.69 -11.32
N GLY B 55 48.36 -7.29 -10.41
CA GLY B 55 48.72 -6.45 -9.26
C GLY B 55 48.44 -4.97 -9.28
N SER B 56 47.99 -4.39 -10.42
CA SER B 56 47.66 -2.96 -10.48
C SER B 56 46.52 -2.68 -9.48
N THR B 57 46.60 -1.56 -8.75
CA THR B 57 45.58 -1.20 -7.77
C THR B 57 44.91 0.12 -8.10
N GLY B 58 43.72 0.33 -7.54
CA GLY B 58 42.94 1.54 -7.62
C GLY B 58 42.22 1.70 -6.30
N TYR B 59 42.31 2.89 -5.68
CA TYR B 59 41.67 3.15 -4.40
C TYR B 59 40.71 4.31 -4.44
N ASN B 60 39.74 4.31 -3.52
CA ASN B 60 38.79 5.40 -3.40
C ASN B 60 39.52 6.56 -2.68
N SER B 61 39.57 7.75 -3.32
CA SER B 61 40.23 8.93 -2.75
C SER B 61 39.61 9.38 -1.40
N ALA B 62 38.35 8.98 -1.12
CA ALA B 62 37.65 9.29 0.12
C ALA B 62 38.34 8.66 1.35
N LEU B 63 39.16 7.61 1.11
CA LEU B 63 39.91 6.95 2.18
C LEU B 63 41.21 7.69 2.51
N ARG B 64 41.46 8.82 1.80
CA ARG B 64 42.60 9.73 1.99
C ARG B 64 43.95 9.01 2.12
N SER B 65 44.25 8.08 1.18
CA SER B 65 45.49 7.30 1.12
C SER B 65 45.83 6.45 2.37
N ARG B 66 44.80 6.07 3.16
CA ARG B 66 44.98 5.22 4.36
C ARG B 66 44.83 3.74 3.98
N VAL B 67 44.44 3.49 2.73
CA VAL B 67 44.14 2.15 2.27
C VAL B 67 45.22 1.48 1.40
N SER B 68 45.38 0.17 1.58
CA SER B 68 46.33 -0.68 0.87
C SER B 68 45.69 -2.06 0.61
N ILE B 69 45.87 -2.58 -0.61
CA ILE B 69 45.40 -3.91 -0.99
C ILE B 69 46.59 -4.63 -1.61
N THR B 70 46.90 -5.83 -1.13
CA THR B 70 48.01 -6.64 -1.65
C THR B 70 47.55 -8.08 -1.88
N LYS B 71 48.24 -8.79 -2.79
CA LYS B 71 48.01 -10.20 -3.09
C LYS B 71 49.23 -11.03 -2.72
N ASP B 72 49.02 -12.24 -2.15
CA ASP B 72 50.11 -13.18 -1.84
C ASP B 72 50.79 -13.60 -3.15
N THR B 73 52.14 -13.72 -3.16
CA THR B 73 52.91 -14.08 -4.35
C THR B 73 52.48 -15.37 -5.04
N SER B 74 52.09 -16.41 -4.28
CA SER B 74 51.75 -17.71 -4.86
C SER B 74 50.28 -18.14 -4.80
N LYS B 75 49.50 -17.53 -3.90
CA LYS B 75 48.10 -17.90 -3.70
C LYS B 75 47.10 -16.80 -3.97
N ASN B 76 45.83 -17.19 -4.17
CA ASN B 76 44.75 -16.25 -4.34
C ASN B 76 44.25 -15.79 -2.97
N GLN B 77 45.14 -15.13 -2.22
CA GLN B 77 44.83 -14.56 -0.91
C GLN B 77 45.16 -13.08 -0.98
N PHE B 78 44.19 -12.26 -0.61
CA PHE B 78 44.22 -10.81 -0.72
C PHE B 78 44.06 -10.14 0.64
N SER B 79 44.89 -9.12 0.92
CA SER B 79 44.89 -8.39 2.19
C SER B 79 44.49 -6.95 2.05
N LEU B 80 43.60 -6.48 2.93
CA LEU B 80 43.14 -5.10 2.98
C LEU B 80 43.69 -4.51 4.25
N LYS B 81 44.38 -3.37 4.14
CA LYS B 81 44.88 -2.66 5.29
C LYS B 81 44.35 -1.23 5.26
N LEU B 82 43.78 -0.77 6.37
CA LEU B 82 43.25 0.58 6.52
C LEU B 82 43.86 1.16 7.79
N SER B 83 44.76 2.14 7.63
CA SER B 83 45.48 2.74 8.76
C SER B 83 44.68 3.87 9.44
N SER B 84 45.12 4.25 10.66
CA SER B 84 44.58 5.36 11.46
C SER B 84 43.05 5.36 11.52
N VAL B 85 42.46 4.22 11.89
CA VAL B 85 41.00 4.10 11.95
C VAL B 85 40.35 4.95 13.04
N THR B 86 39.10 5.38 12.78
CA THR B 86 38.25 6.13 13.71
C THR B 86 36.88 5.44 13.67
N ALA B 87 35.91 5.91 14.46
CA ALA B 87 34.54 5.38 14.47
C ALA B 87 33.86 5.43 13.08
N ALA B 88 34.31 6.35 12.18
CA ALA B 88 33.79 6.49 10.80
C ALA B 88 34.12 5.24 9.93
N ASP B 89 35.07 4.41 10.40
CA ASP B 89 35.47 3.19 9.70
C ASP B 89 34.73 1.96 10.19
N THR B 90 33.85 2.12 11.20
CA THR B 90 33.02 1.01 11.68
C THR B 90 32.06 0.65 10.54
N ALA B 91 32.10 -0.62 10.12
CA ALA B 91 31.30 -1.12 9.00
C ALA B 91 31.45 -2.61 8.83
N VAL B 92 30.58 -3.19 8.01
CA VAL B 92 30.73 -4.56 7.54
C VAL B 92 31.60 -4.43 6.29
N TYR B 93 32.70 -5.19 6.22
CA TYR B 93 33.64 -5.15 5.10
C TYR B 93 33.45 -6.39 4.27
N TYR B 94 33.33 -6.21 2.96
CA TYR B 94 33.16 -7.29 2.02
C TYR B 94 34.27 -7.34 0.99
N CYS B 95 34.71 -8.55 0.65
N CYS B 95 34.62 -8.56 0.61
CA CYS B 95 35.60 -8.74 -0.48
CA CYS B 95 35.57 -8.84 -0.45
C CYS B 95 34.73 -9.39 -1.56
C CYS B 95 34.75 -9.47 -1.57
N ALA B 96 34.96 -9.03 -2.82
CA ALA B 96 34.21 -9.57 -3.95
C ALA B 96 35.20 -9.85 -5.07
N SER B 97 34.97 -10.95 -5.77
CA SER B 97 35.88 -11.33 -6.85
C SER B 97 35.14 -11.57 -8.15
N ALA B 98 35.91 -11.63 -9.25
CA ALA B 98 35.40 -11.93 -10.56
C ALA B 98 36.50 -12.46 -11.43
N ALA B 99 36.10 -13.18 -12.48
CA ALA B 99 37.07 -13.73 -13.40
C ALA B 99 37.73 -12.67 -14.25
N TYR B 100 39.02 -12.93 -14.51
CA TYR B 100 39.84 -12.20 -15.44
C TYR B 100 40.22 -13.27 -16.45
N TYR B 101 39.56 -13.27 -17.61
CA TYR B 101 39.84 -14.23 -18.67
C TYR B 101 40.95 -13.67 -19.55
N SER B 102 40.90 -12.36 -19.85
CA SER B 102 41.86 -11.61 -20.67
C SER B 102 41.67 -10.09 -20.53
N TYR B 103 42.53 -9.30 -21.21
CA TYR B 103 42.45 -7.83 -21.23
C TYR B 103 41.17 -7.36 -21.94
N TYR B 104 40.52 -8.25 -22.74
CA TYR B 104 39.27 -7.92 -23.42
C TYR B 104 38.06 -8.65 -22.83
N ASN B 105 38.27 -9.38 -21.70
CA ASN B 105 37.20 -10.11 -21.04
C ASN B 105 37.45 -10.23 -19.55
N TYR B 106 37.06 -9.20 -18.78
CA TYR B 106 37.17 -9.25 -17.34
C TYR B 106 35.86 -8.76 -16.75
N ASP B 107 35.69 -9.01 -15.47
CA ASP B 107 34.45 -8.73 -14.78
C ASP B 107 34.74 -8.11 -13.41
N GLY B 108 33.70 -7.92 -12.61
CA GLY B 108 33.83 -7.41 -11.25
C GLY B 108 32.62 -7.76 -10.42
N PHE B 109 32.82 -7.93 -9.09
CA PHE B 109 31.74 -8.07 -8.11
C PHE B 109 30.80 -9.25 -8.35
N ALA B 110 31.32 -10.35 -8.92
CA ALA B 110 30.52 -11.52 -9.26
C ALA B 110 30.25 -12.42 -8.05
N TYR B 111 31.24 -12.57 -7.15
CA TYR B 111 31.12 -13.45 -5.98
C TYR B 111 31.52 -12.67 -4.76
N TRP B 112 30.67 -12.68 -3.72
CA TRP B 112 30.93 -11.91 -2.52
C TRP B 112 31.16 -12.82 -1.32
N GLY B 113 32.08 -12.42 -0.46
CA GLY B 113 32.30 -13.15 0.78
C GLY B 113 31.21 -12.77 1.76
N GLN B 114 31.10 -13.54 2.86
CA GLN B 114 30.18 -13.21 3.93
C GLN B 114 30.90 -12.00 4.56
N GLY B 115 30.15 -10.98 4.95
CA GLY B 115 30.81 -9.80 5.48
C GLY B 115 31.46 -9.98 6.83
N THR B 116 32.44 -9.10 7.11
CA THR B 116 33.10 -9.06 8.42
C THR B 116 32.81 -7.71 9.05
N LEU B 117 32.08 -7.72 10.16
CA LEU B 117 31.84 -6.48 10.87
C LEU B 117 33.12 -6.10 11.62
N VAL B 118 33.54 -4.84 11.48
CA VAL B 118 34.69 -4.34 12.21
C VAL B 118 34.21 -3.13 12.99
N THR B 119 34.32 -3.21 14.31
CA THR B 119 33.93 -2.14 15.21
C THR B 119 35.19 -1.39 15.64
N VAL B 120 35.23 -0.07 15.44
CA VAL B 120 36.40 0.71 15.85
C VAL B 120 36.05 1.28 17.22
N SER B 121 36.71 0.74 18.27
CA SER B 121 36.42 1.10 19.64
C SER B 121 37.60 0.80 20.56
N SER B 122 37.74 1.59 21.63
CA SER B 122 38.76 1.41 22.66
C SER B 122 38.29 0.44 23.74
N ALA B 123 36.98 0.13 23.78
CA ALA B 123 36.37 -0.76 24.77
C ALA B 123 36.83 -2.22 24.65
N SER B 124 36.82 -2.94 25.77
CA SER B 124 37.23 -4.34 25.86
C SER B 124 36.11 -5.28 25.47
N THR B 125 36.46 -6.51 25.06
CA THR B 125 35.45 -7.53 24.76
C THR B 125 34.76 -7.97 26.07
N LYS B 126 33.47 -8.28 25.98
CA LYS B 126 32.68 -8.75 27.12
C LYS B 126 31.67 -9.76 26.63
N GLY B 127 31.67 -10.94 27.25
CA GLY B 127 30.74 -12.01 26.91
C GLY B 127 29.34 -11.75 27.44
N PRO B 128 28.30 -12.29 26.78
CA PRO B 128 26.94 -12.01 27.25
C PRO B 128 26.47 -12.89 28.40
N SER B 129 25.42 -12.43 29.07
CA SER B 129 24.65 -13.16 30.07
C SER B 129 23.41 -13.59 29.30
N VAL B 130 22.95 -14.83 29.47
CA VAL B 130 21.81 -15.33 28.73
C VAL B 130 20.69 -15.66 29.71
N PHE B 131 19.53 -15.03 29.53
CA PHE B 131 18.38 -15.22 30.42
C PHE B 131 17.20 -15.79 29.67
N PRO B 132 16.40 -16.69 30.28
CA PRO B 132 15.24 -17.22 29.56
C PRO B 132 14.07 -16.24 29.49
N LEU B 133 13.31 -16.28 28.38
CA LEU B 133 12.05 -15.54 28.22
C LEU B 133 11.05 -16.70 28.26
N ALA B 134 10.58 -17.02 29.47
CA ALA B 134 9.77 -18.22 29.69
C ALA B 134 8.31 -18.05 29.34
N PRO B 135 7.67 -19.11 28.77
CA PRO B 135 6.24 -19.02 28.46
C PRO B 135 5.38 -18.99 29.73
N GLY B 142 -2.29 -21.10 23.92
CA GLY B 142 -3.53 -21.54 23.30
C GLY B 142 -4.02 -20.71 22.13
N GLY B 143 -3.78 -21.17 20.90
CA GLY B 143 -3.01 -22.39 20.65
C GLY B 143 -1.53 -22.19 20.51
N THR B 144 -1.07 -20.92 20.41
CA THR B 144 0.34 -20.60 20.18
C THR B 144 1.00 -20.06 21.43
N ALA B 145 2.22 -20.53 21.71
CA ALA B 145 3.03 -20.06 22.82
C ALA B 145 4.30 -19.41 22.28
N ALA B 146 4.83 -18.43 23.00
CA ALA B 146 6.08 -17.79 22.61
C ALA B 146 7.09 -17.97 23.74
N LEU B 147 8.33 -18.18 23.37
CA LEU B 147 9.43 -18.32 24.32
C LEU B 147 10.69 -17.76 23.68
N GLY B 148 11.73 -17.56 24.47
CA GLY B 148 12.95 -17.05 23.90
C GLY B 148 14.07 -16.92 24.88
N CYS B 149 15.10 -16.18 24.46
N CYS B 149 15.14 -16.22 24.48
CA CYS B 149 16.28 -15.91 25.26
CA CYS B 149 16.24 -15.91 25.38
C CYS B 149 16.66 -14.45 25.13
C CYS B 149 16.87 -14.56 25.14
N LEU B 150 17.04 -13.83 26.25
CA LEU B 150 17.54 -12.47 26.28
C LEU B 150 19.06 -12.59 26.42
N VAL B 151 19.79 -12.05 25.44
CA VAL B 151 21.25 -12.13 25.38
C VAL B 151 21.74 -10.73 25.72
N LYS B 152 22.15 -10.55 26.97
CA LYS B 152 22.44 -9.23 27.50
C LYS B 152 23.87 -8.92 27.85
N ASP B 153 24.24 -7.64 27.67
CA ASP B 153 25.50 -7.04 28.08
C ASP B 153 26.76 -7.64 27.45
N TYR B 154 26.86 -7.56 26.13
CA TYR B 154 28.04 -8.06 25.43
C TYR B 154 28.65 -6.97 24.56
N PHE B 155 29.89 -7.21 24.16
CA PHE B 155 30.60 -6.29 23.30
C PHE B 155 31.80 -6.99 22.69
N PRO B 156 32.10 -6.76 21.39
CA PRO B 156 31.32 -5.99 20.41
C PRO B 156 30.29 -6.92 19.78
N GLU B 157 29.62 -6.44 18.74
CA GLU B 157 28.72 -7.28 17.98
C GLU B 157 29.62 -8.19 17.09
N PRO B 158 29.12 -9.33 16.58
CA PRO B 158 27.76 -9.89 16.71
C PRO B 158 27.71 -11.10 17.64
N VAL B 159 26.49 -11.55 17.91
CA VAL B 159 26.22 -12.80 18.60
C VAL B 159 25.41 -13.60 17.59
N THR B 160 25.48 -14.93 17.65
CA THR B 160 24.64 -15.78 16.82
C THR B 160 23.78 -16.58 17.76
N VAL B 161 22.50 -16.78 17.38
CA VAL B 161 21.59 -17.58 18.19
C VAL B 161 20.94 -18.63 17.31
N SER B 162 20.93 -19.88 17.78
CA SER B 162 20.24 -20.97 17.12
C SER B 162 19.33 -21.61 18.18
N TRP B 163 18.37 -22.42 17.74
CA TRP B 163 17.45 -23.12 18.63
C TRP B 163 17.56 -24.62 18.38
N ASN B 164 17.70 -25.40 19.47
CA ASN B 164 17.84 -26.86 19.43
C ASN B 164 18.93 -27.31 18.46
N SER B 165 20.11 -26.64 18.50
CA SER B 165 21.31 -26.89 17.67
C SER B 165 21.05 -26.77 16.16
N GLY B 166 20.08 -25.94 15.78
CA GLY B 166 19.72 -25.70 14.39
C GLY B 166 18.52 -26.49 13.90
N ALA B 167 18.01 -27.44 14.73
CA ALA B 167 16.84 -28.27 14.39
C ALA B 167 15.54 -27.47 14.41
N LEU B 168 15.50 -26.33 15.12
CA LEU B 168 14.32 -25.48 15.19
C LEU B 168 14.62 -24.16 14.49
N THR B 169 13.99 -23.93 13.33
CA THR B 169 14.19 -22.71 12.53
C THR B 169 12.88 -21.97 12.27
N SER B 170 11.78 -22.73 12.10
CA SER B 170 10.46 -22.17 11.81
C SER B 170 9.93 -21.37 13.01
N GLY B 171 9.49 -20.15 12.72
CA GLY B 171 8.92 -19.26 13.74
C GLY B 171 9.95 -18.55 14.60
N VAL B 172 11.24 -18.71 14.29
CA VAL B 172 12.30 -18.05 15.04
C VAL B 172 12.47 -16.62 14.54
N HIS B 173 12.59 -15.66 15.48
CA HIS B 173 12.91 -14.26 15.17
C HIS B 173 14.04 -13.82 16.08
N THR B 174 15.23 -13.58 15.51
CA THR B 174 16.36 -13.05 16.27
C THR B 174 16.44 -11.57 15.92
N PHE B 175 16.17 -10.73 16.91
CA PHE B 175 16.07 -9.29 16.70
C PHE B 175 17.40 -8.61 16.53
N PRO B 176 17.43 -7.46 15.84
CA PRO B 176 18.66 -6.67 15.80
C PRO B 176 19.02 -6.26 17.24
N ALA B 177 20.31 -6.24 17.55
CA ALA B 177 20.76 -5.83 18.89
C ALA B 177 20.53 -4.33 19.10
N VAL B 178 20.38 -3.93 20.36
CA VAL B 178 20.26 -2.52 20.73
C VAL B 178 21.48 -2.14 21.56
N LEU B 179 21.98 -0.93 21.38
CA LEU B 179 23.11 -0.47 22.17
C LEU B 179 22.56 0.26 23.40
N GLN B 180 22.89 -0.25 24.59
CA GLN B 180 22.41 0.31 25.86
C GLN B 180 23.27 1.51 26.27
N SER B 181 22.78 2.32 27.25
CA SER B 181 23.53 3.48 27.76
C SER B 181 24.90 3.10 28.36
N SER B 182 25.06 1.84 28.77
CA SER B 182 26.28 1.26 29.34
C SER B 182 27.37 1.03 28.27
N GLY B 183 26.98 1.09 26.99
CA GLY B 183 27.90 0.84 25.87
C GLY B 183 27.98 -0.62 25.52
N LEU B 184 27.10 -1.45 26.10
CA LEU B 184 27.00 -2.88 25.86
C LEU B 184 25.73 -3.18 25.09
N TYR B 185 25.76 -4.22 24.26
CA TYR B 185 24.61 -4.62 23.46
C TYR B 185 23.69 -5.59 24.19
N SER B 186 22.40 -5.61 23.78
CA SER B 186 21.36 -6.49 24.28
C SER B 186 20.52 -6.93 23.09
N LEU B 187 20.21 -8.22 23.01
CA LEU B 187 19.45 -8.80 21.91
C LEU B 187 18.51 -9.87 22.46
N SER B 188 17.35 -10.05 21.79
CA SER B 188 16.42 -11.12 22.16
CA SER B 188 16.42 -11.12 22.16
C SER B 188 16.22 -12.01 20.95
N SER B 189 16.00 -13.29 21.19
CA SER B 189 15.71 -14.25 20.13
C SER B 189 14.47 -14.95 20.64
N VAL B 190 13.43 -15.02 19.82
CA VAL B 190 12.18 -15.64 20.24
C VAL B 190 11.76 -16.71 19.24
N VAL B 191 10.82 -17.56 19.66
CA VAL B 191 10.25 -18.58 18.78
C VAL B 191 8.81 -18.82 19.22
N THR B 192 7.88 -18.97 18.25
CA THR B 192 6.50 -19.33 18.55
C THR B 192 6.35 -20.81 18.24
N VAL B 193 5.69 -21.54 19.13
CA VAL B 193 5.50 -22.99 19.05
C VAL B 193 4.08 -23.35 19.47
N PRO B 194 3.57 -24.57 19.18
CA PRO B 194 2.24 -24.93 19.68
C PRO B 194 2.32 -25.04 21.21
N SER B 195 1.33 -24.46 21.91
CA SER B 195 1.24 -24.53 23.39
C SER B 195 1.25 -25.99 23.85
N SER B 196 0.69 -26.91 23.02
CA SER B 196 0.61 -28.35 23.29
C SER B 196 2.00 -29.02 23.35
N SER B 197 3.02 -28.41 22.72
CA SER B 197 4.38 -28.95 22.68
C SER B 197 5.21 -28.65 23.96
N LEU B 198 4.76 -27.70 24.79
CA LEU B 198 5.50 -27.25 25.99
C LEU B 198 5.84 -28.33 27.02
N GLY B 199 4.94 -29.28 27.22
CA GLY B 199 5.15 -30.37 28.16
C GLY B 199 6.02 -31.50 27.64
N THR B 200 6.10 -31.66 26.31
CA THR B 200 6.84 -32.74 25.66
C THR B 200 8.16 -32.35 25.01
N GLN B 201 8.23 -31.17 24.37
CA GLN B 201 9.42 -30.72 23.64
C GLN B 201 10.33 -29.80 24.45
N THR B 202 11.64 -30.09 24.44
CA THR B 202 12.67 -29.29 25.08
C THR B 202 13.10 -28.18 24.11
N TYR B 203 13.21 -26.95 24.63
CA TYR B 203 13.64 -25.78 23.85
C TYR B 203 14.89 -25.19 24.45
N ILE B 204 15.97 -25.21 23.69
CA ILE B 204 17.29 -24.72 24.13
C ILE B 204 17.80 -23.68 23.16
N CYS B 205 18.20 -22.51 23.67
CA CYS B 205 18.82 -21.54 22.78
C CYS B 205 20.33 -21.64 22.87
N ASN B 206 20.99 -21.69 21.70
CA ASN B 206 22.44 -21.82 21.63
C ASN B 206 23.01 -20.49 21.22
N VAL B 207 23.68 -19.82 22.17
CA VAL B 207 24.24 -18.48 21.96
C VAL B 207 25.76 -18.57 21.78
N ASN B 208 26.28 -17.94 20.73
CA ASN B 208 27.71 -17.90 20.47
C ASN B 208 28.19 -16.45 20.29
N HIS B 209 29.17 -16.04 21.09
CA HIS B 209 29.79 -14.72 20.97
C HIS B 209 31.28 -14.97 20.73
N LYS B 210 31.67 -15.03 19.46
CA LYS B 210 33.05 -15.31 19.04
C LYS B 210 34.12 -14.36 19.65
N PRO B 211 33.92 -13.01 19.73
CA PRO B 211 34.95 -12.14 20.35
C PRO B 211 35.37 -12.52 21.77
N SER B 212 34.47 -13.08 22.58
CA SER B 212 34.80 -13.48 23.93
C SER B 212 34.95 -15.02 24.06
N ASN B 213 34.84 -15.74 22.92
CA ASN B 213 34.90 -17.21 22.83
C ASN B 213 33.87 -17.86 23.78
N THR B 214 32.68 -17.23 23.87
CA THR B 214 31.56 -17.65 24.73
C THR B 214 30.57 -18.48 23.93
N LYS B 215 30.21 -19.64 24.48
CA LYS B 215 29.20 -20.55 23.93
C LYS B 215 28.29 -20.92 25.11
N VAL B 216 27.02 -20.49 25.06
CA VAL B 216 26.05 -20.72 26.13
C VAL B 216 24.82 -21.44 25.57
N ASP B 217 24.39 -22.52 26.25
CA ASP B 217 23.18 -23.26 25.93
C ASP B 217 22.22 -23.02 27.09
N LYS B 218 21.04 -22.45 26.80
CA LYS B 218 20.09 -22.17 27.86
C LYS B 218 18.77 -22.88 27.60
N LYS B 219 18.39 -23.80 28.50
CA LYS B 219 17.10 -24.49 28.41
C LYS B 219 16.02 -23.51 28.89
N VAL B 220 15.00 -23.31 28.06
CA VAL B 220 13.92 -22.38 28.35
C VAL B 220 12.67 -23.11 28.74
N GLU B 221 12.22 -22.88 29.96
CA GLU B 221 11.02 -23.53 30.45
C GLU B 221 10.22 -22.62 31.38
N PRO B 222 8.92 -22.88 31.62
CA PRO B 222 8.16 -22.03 32.56
C PRO B 222 8.76 -22.02 33.97
N LYS B 223 8.59 -20.89 34.68
CA LYS B 223 9.04 -20.73 36.06
C LYS B 223 8.28 -21.74 36.95
N SER B 224 8.98 -22.32 37.94
CA SER B 224 8.35 -23.29 38.86
C SER B 224 7.36 -22.61 39.80
N CYS B 225 6.21 -23.26 40.04
CA CYS B 225 5.14 -22.77 40.92
C CYS B 225 5.29 -23.36 42.33
N GLN C 1 -18.91 14.05 -33.16
CA GLN C 1 -18.60 13.26 -31.97
C GLN C 1 -19.81 12.44 -31.55
N VAL C 2 -19.60 11.17 -31.15
CA VAL C 2 -20.70 10.32 -30.72
C VAL C 2 -21.13 10.63 -29.29
N GLN C 3 -22.44 10.84 -29.07
CA GLN C 3 -22.99 11.08 -27.73
C GLN C 3 -24.26 10.28 -27.53
N LEU C 4 -24.40 9.65 -26.36
CA LEU C 4 -25.58 8.85 -26.04
C LEU C 4 -26.26 9.43 -24.82
N GLN C 5 -27.59 9.54 -24.89
CA GLN C 5 -28.42 10.09 -23.81
C GLN C 5 -29.48 9.07 -23.41
N GLU C 6 -29.50 8.70 -22.14
CA GLU C 6 -30.46 7.73 -21.62
C GLU C 6 -31.53 8.43 -20.82
N SER C 7 -32.77 7.96 -20.95
CA SER C 7 -33.92 8.52 -20.25
C SER C 7 -34.88 7.44 -19.79
N GLY C 8 -35.67 7.77 -18.77
CA GLY C 8 -36.66 6.87 -18.22
C GLY C 8 -36.85 6.99 -16.73
N PRO C 9 -37.96 6.41 -16.22
CA PRO C 9 -38.24 6.47 -14.78
C PRO C 9 -37.15 5.82 -13.94
N GLY C 10 -36.80 6.48 -12.84
CA GLY C 10 -35.81 6.02 -11.87
C GLY C 10 -36.38 5.08 -10.83
N LEU C 11 -37.71 4.91 -10.83
CA LEU C 11 -38.43 4.09 -9.87
C LEU C 11 -39.46 3.25 -10.59
N VAL C 12 -39.47 1.93 -10.35
CA VAL C 12 -40.41 0.99 -10.95
C VAL C 12 -40.93 0.07 -9.85
N LYS C 13 -42.25 -0.17 -9.81
CA LYS C 13 -42.80 -1.06 -8.79
C LYS C 13 -42.50 -2.53 -9.12
N PRO C 14 -42.27 -3.40 -8.10
CA PRO C 14 -42.06 -4.83 -8.40
C PRO C 14 -43.24 -5.39 -9.20
N SER C 15 -42.94 -6.29 -10.17
CA SER C 15 -43.87 -6.97 -11.10
C SER C 15 -44.23 -6.11 -12.32
N GLU C 16 -43.88 -4.82 -12.29
CA GLU C 16 -44.20 -3.90 -13.38
C GLU C 16 -43.11 -3.89 -14.46
N THR C 17 -43.32 -3.11 -15.53
CA THR C 17 -42.39 -3.05 -16.65
C THR C 17 -41.47 -1.83 -16.59
N LEU C 18 -40.17 -2.10 -16.73
CA LEU C 18 -39.12 -1.08 -16.77
CA LEU C 18 -39.14 -1.07 -16.77
C LEU C 18 -39.01 -0.65 -18.23
N SER C 19 -39.05 0.67 -18.49
CA SER C 19 -38.92 1.19 -19.85
C SER C 19 -37.85 2.28 -19.88
N LEU C 20 -36.84 2.09 -20.73
CA LEU C 20 -35.76 3.08 -20.90
C LEU C 20 -35.59 3.43 -22.35
N THR C 21 -35.13 4.64 -22.60
CA THR C 21 -34.87 5.12 -23.95
C THR C 21 -33.39 5.50 -24.04
N CYS C 22 -32.79 5.32 -25.22
CA CYS C 22 -31.42 5.73 -25.51
C CYS C 22 -31.43 6.47 -26.83
N THR C 23 -30.91 7.71 -26.84
CA THR C 23 -30.81 8.52 -28.07
C THR C 23 -29.34 8.55 -28.45
N VAL C 24 -29.03 8.14 -29.69
CA VAL C 24 -27.66 8.05 -30.18
C VAL C 24 -27.42 9.13 -31.24
N SER C 25 -26.46 10.04 -31.02
N SER C 25 -26.47 10.03 -31.02
CA SER C 25 -26.14 11.12 -31.96
CA SER C 25 -26.15 11.06 -32.02
C SER C 25 -24.66 11.11 -32.35
C SER C 25 -24.68 10.99 -32.40
N GLY C 26 -24.35 11.51 -33.59
CA GLY C 26 -22.97 11.59 -34.06
C GLY C 26 -22.47 10.58 -35.07
N PHE C 27 -23.23 9.50 -35.35
CA PHE C 27 -22.83 8.52 -36.39
C PHE C 27 -23.29 9.02 -37.75
N SER C 28 -22.52 9.91 -38.33
CA SER C 28 -22.84 10.53 -39.61
C SER C 28 -22.27 9.77 -40.80
N LEU C 29 -21.20 9.00 -40.61
CA LEU C 29 -20.53 8.34 -41.73
C LEU C 29 -20.74 6.85 -41.88
N THR C 30 -21.33 6.21 -40.86
CA THR C 30 -21.62 4.79 -40.84
C THR C 30 -22.88 4.54 -40.04
N SER C 31 -23.39 3.30 -40.16
CA SER C 31 -24.49 2.85 -39.32
CA SER C 31 -24.48 2.83 -39.33
C SER C 31 -23.85 2.43 -37.99
N TYR C 32 -24.61 1.90 -37.04
CA TYR C 32 -24.05 1.56 -35.75
C TYR C 32 -24.86 0.46 -35.05
N ILE C 33 -24.27 -0.12 -34.00
CA ILE C 33 -24.83 -1.18 -33.18
C ILE C 33 -25.06 -0.60 -31.80
N VAL C 34 -26.16 -1.01 -31.13
CA VAL C 34 -26.45 -0.56 -29.76
C VAL C 34 -26.56 -1.76 -28.83
N ASP C 35 -25.80 -1.71 -27.72
CA ASP C 35 -25.83 -2.73 -26.69
C ASP C 35 -26.38 -2.11 -25.41
N TRP C 36 -27.05 -2.90 -24.58
CA TRP C 36 -27.53 -2.47 -23.26
C TRP C 36 -26.80 -3.30 -22.22
N ILE C 37 -26.36 -2.65 -21.14
CA ILE C 37 -25.57 -3.26 -20.07
C ILE C 37 -26.15 -2.73 -18.75
N ARG C 38 -26.07 -3.52 -17.67
CA ARG C 38 -26.52 -3.02 -16.37
C ARG C 38 -25.50 -3.33 -15.30
N GLN C 39 -25.59 -2.60 -14.20
CA GLN C 39 -24.66 -2.72 -13.10
C GLN C 39 -25.42 -2.55 -11.79
N PRO C 40 -25.70 -3.65 -11.07
CA PRO C 40 -26.35 -3.50 -9.75
C PRO C 40 -25.45 -2.71 -8.80
N PRO C 41 -26.04 -1.95 -7.85
CA PRO C 41 -25.20 -1.12 -6.95
C PRO C 41 -24.04 -1.89 -6.30
N GLY C 42 -22.84 -1.33 -6.46
CA GLY C 42 -21.61 -1.88 -5.91
C GLY C 42 -21.10 -3.18 -6.54
N LYS C 43 -21.72 -3.61 -7.67
CA LYS C 43 -21.35 -4.85 -8.33
C LYS C 43 -20.79 -4.63 -9.76
N GLY C 44 -20.53 -5.73 -10.46
CA GLY C 44 -19.98 -5.72 -11.81
C GLY C 44 -21.02 -5.50 -12.90
N LEU C 45 -20.56 -5.61 -14.13
CA LEU C 45 -21.34 -5.36 -15.36
C LEU C 45 -21.95 -6.63 -15.91
N GLU C 46 -23.19 -6.52 -16.40
CA GLU C 46 -23.93 -7.63 -16.99
C GLU C 46 -24.48 -7.15 -18.33
N TRP C 47 -24.17 -7.88 -19.40
CA TRP C 47 -24.67 -7.55 -20.74
C TRP C 47 -26.13 -8.00 -20.85
N ILE C 48 -27.00 -7.12 -21.39
CA ILE C 48 -28.45 -7.38 -21.51
C ILE C 48 -28.84 -7.85 -22.89
N GLY C 49 -28.43 -7.09 -23.89
CA GLY C 49 -28.82 -7.38 -25.26
C GLY C 49 -28.22 -6.42 -26.25
N VAL C 50 -28.42 -6.74 -27.53
CA VAL C 50 -27.92 -5.95 -28.65
C VAL C 50 -28.99 -5.79 -29.72
N ILE C 51 -28.96 -4.64 -30.40
CA ILE C 51 -29.74 -4.42 -31.62
C ILE C 51 -28.68 -4.03 -32.68
N TRP C 52 -28.56 -4.87 -33.72
CA TRP C 52 -27.58 -4.71 -34.77
C TRP C 52 -28.01 -3.65 -35.76
N ALA C 53 -27.08 -3.19 -36.63
CA ALA C 53 -27.46 -2.32 -37.74
C ALA C 53 -28.37 -3.24 -38.60
N GLY C 54 -29.55 -2.76 -38.94
CA GLY C 54 -30.51 -3.58 -39.69
C GLY C 54 -31.61 -4.19 -38.85
N GLY C 55 -31.46 -4.17 -37.52
CA GLY C 55 -32.49 -4.60 -36.60
C GLY C 55 -32.41 -5.98 -35.96
N SER C 56 -31.43 -6.84 -36.36
CA SER C 56 -31.29 -8.17 -35.74
C SER C 56 -30.97 -7.97 -34.24
N THR C 57 -31.59 -8.78 -33.37
CA THR C 57 -31.38 -8.66 -31.92
C THR C 57 -30.78 -9.92 -31.35
N GLY C 58 -30.17 -9.77 -30.18
CA GLY C 58 -29.62 -10.86 -29.39
C GLY C 58 -29.80 -10.48 -27.95
N TYR C 59 -30.34 -11.40 -27.12
CA TYR C 59 -30.57 -11.10 -25.71
C TYR C 59 -29.88 -12.11 -24.81
N ASN C 60 -29.59 -11.68 -23.58
CA ASN C 60 -28.99 -12.56 -22.59
C ASN C 60 -30.09 -13.50 -22.10
N SER C 61 -29.87 -14.82 -22.21
CA SER C 61 -30.87 -15.83 -21.77
C SER C 61 -31.22 -15.74 -20.29
N ALA C 62 -30.32 -15.14 -19.46
CA ALA C 62 -30.51 -14.91 -18.01
C ALA C 62 -31.72 -14.02 -17.73
N LEU C 63 -32.14 -13.20 -18.73
CA LEU C 63 -33.29 -12.33 -18.59
C LEU C 63 -34.61 -13.05 -18.83
N ARG C 64 -34.50 -14.37 -19.17
CA ARG C 64 -35.60 -15.31 -19.38
CA ARG C 64 -35.60 -15.31 -19.40
C ARG C 64 -36.74 -14.73 -20.22
N SER C 65 -36.40 -14.18 -21.41
CA SER C 65 -37.34 -13.59 -22.37
C SER C 65 -38.24 -12.43 -21.85
N ARG C 66 -37.80 -11.72 -20.80
CA ARG C 66 -38.53 -10.56 -20.25
C ARG C 66 -38.06 -9.28 -20.94
N VAL C 67 -37.02 -9.38 -21.76
CA VAL C 67 -36.38 -8.23 -22.40
C VAL C 67 -36.67 -8.05 -23.89
N SER C 68 -36.82 -6.78 -24.32
N SER C 68 -36.79 -6.80 -24.31
CA SER C 68 -37.09 -6.39 -25.70
CA SER C 68 -36.95 -6.45 -25.72
C SER C 68 -36.43 -5.05 -26.03
C SER C 68 -36.26 -5.12 -25.95
N ILE C 69 -35.64 -5.01 -27.13
CA ILE C 69 -34.92 -3.82 -27.59
C ILE C 69 -35.47 -3.51 -28.98
N THR C 70 -35.92 -2.28 -29.19
CA THR C 70 -36.45 -1.85 -30.48
C THR C 70 -35.85 -0.50 -30.85
N LYS C 71 -35.92 -0.14 -32.13
CA LYS C 71 -35.46 1.16 -32.61
C LYS C 71 -36.67 1.91 -33.17
N ASP C 72 -36.74 3.23 -32.91
CA ASP C 72 -37.79 4.10 -33.46
C ASP C 72 -37.61 4.13 -34.97
N THR C 73 -38.71 3.98 -35.72
CA THR C 73 -38.74 3.96 -37.18
C THR C 73 -38.08 5.16 -37.88
N SER C 74 -38.16 6.36 -37.28
CA SER C 74 -37.62 7.58 -37.89
C SER C 74 -36.44 8.23 -37.17
N LYS C 75 -36.35 8.05 -35.84
CA LYS C 75 -35.34 8.69 -35.00
C LYS C 75 -34.22 7.73 -34.58
N ASN C 76 -33.09 8.31 -34.13
CA ASN C 76 -31.96 7.55 -33.60
C ASN C 76 -32.24 7.28 -32.12
N GLN C 77 -33.41 6.71 -31.84
CA GLN C 77 -33.92 6.43 -30.50
C GLN C 77 -34.19 4.94 -30.34
N PHE C 78 -33.73 4.38 -29.22
CA PHE C 78 -33.86 2.95 -28.93
C PHE C 78 -34.58 2.77 -27.64
N SER C 79 -35.35 1.71 -27.54
CA SER C 79 -36.15 1.40 -26.36
CA SER C 79 -36.12 1.41 -26.35
C SER C 79 -35.77 0.05 -25.77
N LEU C 80 -35.54 0.02 -24.45
CA LEU C 80 -35.29 -1.19 -23.70
C LEU C 80 -36.53 -1.38 -22.82
N LYS C 81 -37.14 -2.55 -22.90
CA LYS C 81 -38.27 -2.88 -22.04
C LYS C 81 -37.95 -4.17 -21.30
N LEU C 82 -38.17 -4.16 -19.98
CA LEU C 82 -37.92 -5.33 -19.13
C LEU C 82 -39.19 -5.55 -18.29
N SER C 83 -39.93 -6.63 -18.57
CA SER C 83 -41.17 -6.93 -17.88
C SER C 83 -40.97 -7.67 -16.54
N SER C 84 -42.01 -7.68 -15.69
CA SER C 84 -42.08 -8.42 -14.41
C SER C 84 -40.82 -8.22 -13.55
N VAL C 85 -40.47 -6.96 -13.30
CA VAL C 85 -39.25 -6.65 -12.56
C VAL C 85 -39.26 -7.12 -11.11
N THR C 86 -38.06 -7.48 -10.63
CA THR C 86 -37.85 -7.89 -9.23
C THR C 86 -36.72 -7.02 -8.70
N ALA C 87 -36.39 -7.17 -7.41
CA ALA C 87 -35.28 -6.43 -6.80
C ALA C 87 -33.94 -6.74 -7.50
N ALA C 88 -33.86 -7.91 -8.16
CA ALA C 88 -32.64 -8.31 -8.90
C ALA C 88 -32.43 -7.41 -10.12
N ASP C 89 -33.45 -6.64 -10.54
CA ASP C 89 -33.38 -5.72 -11.69
C ASP C 89 -32.96 -4.31 -11.31
N THR C 90 -32.81 -4.04 -9.99
CA THR C 90 -32.32 -2.75 -9.53
C THR C 90 -30.87 -2.60 -10.00
N ALA C 91 -30.59 -1.55 -10.79
CA ALA C 91 -29.25 -1.37 -11.36
C ALA C 91 -29.15 -0.05 -12.07
N VAL C 92 -27.91 0.35 -12.39
CA VAL C 92 -27.66 1.46 -13.28
C VAL C 92 -27.68 0.79 -14.67
N TYR C 93 -28.47 1.31 -15.59
CA TYR C 93 -28.61 0.79 -16.96
C TYR C 93 -27.88 1.69 -17.91
N TYR C 94 -27.05 1.09 -18.75
CA TYR C 94 -26.26 1.81 -19.75
C TYR C 94 -26.57 1.37 -21.15
N CYS C 95 -26.51 2.32 -22.06
CA CYS C 95 -26.58 1.97 -23.47
CA CYS C 95 -26.63 2.10 -23.48
C CYS C 95 -25.21 2.36 -24.02
N ALA C 96 -24.71 1.55 -24.94
CA ALA C 96 -23.39 1.73 -25.54
C ALA C 96 -23.51 1.48 -27.02
N SER C 97 -22.78 2.24 -27.81
CA SER C 97 -22.86 2.12 -29.25
C SER C 97 -21.47 1.95 -29.86
N ALA C 98 -21.42 1.49 -31.11
CA ALA C 98 -20.19 1.38 -31.88
C ALA C 98 -20.48 1.32 -33.34
N ALA C 99 -19.51 1.69 -34.16
CA ALA C 99 -19.67 1.71 -35.62
C ALA C 99 -19.92 0.33 -36.23
N TYR C 100 -20.76 0.29 -37.26
CA TYR C 100 -20.97 -0.88 -38.11
C TYR C 100 -20.46 -0.38 -39.46
N TYR C 101 -19.29 -0.88 -39.91
CA TYR C 101 -18.68 -0.42 -41.15
C TYR C 101 -19.24 -1.12 -42.37
N SER C 102 -19.37 -2.44 -42.26
CA SER C 102 -19.86 -3.33 -43.31
C SER C 102 -20.21 -4.68 -42.68
N TYR C 103 -20.75 -5.59 -43.48
CA TYR C 103 -21.20 -6.90 -43.00
C TYR C 103 -20.23 -7.64 -42.08
N TYR C 104 -18.93 -7.67 -42.42
CA TYR C 104 -17.95 -8.40 -41.60
C TYR C 104 -17.08 -7.47 -40.74
N ASN C 105 -17.27 -6.15 -40.84
CA ASN C 105 -16.44 -5.18 -40.12
C ASN C 105 -17.29 -4.29 -39.22
N TYR C 106 -17.22 -4.52 -37.92
CA TYR C 106 -18.07 -3.84 -36.95
C TYR C 106 -17.43 -3.93 -35.57
N ASP C 107 -17.98 -3.19 -34.65
CA ASP C 107 -17.39 -3.04 -33.33
C ASP C 107 -18.49 -3.11 -32.26
N GLY C 108 -18.12 -2.83 -31.01
CA GLY C 108 -19.07 -2.81 -29.92
C GLY C 108 -18.53 -2.03 -28.75
N PHE C 109 -19.45 -1.43 -27.95
CA PHE C 109 -19.14 -0.84 -26.65
C PHE C 109 -18.09 0.29 -26.71
N ALA C 110 -18.07 1.04 -27.81
CA ALA C 110 -17.09 2.10 -28.00
C ALA C 110 -17.47 3.39 -27.29
N TYR C 111 -18.78 3.72 -27.25
CA TYR C 111 -19.26 4.98 -26.64
C TYR C 111 -20.37 4.65 -25.70
N TRP C 112 -20.29 5.14 -24.46
CA TRP C 112 -21.29 4.81 -23.46
C TRP C 112 -22.08 6.03 -23.02
N GLY C 113 -23.36 5.85 -22.74
CA GLY C 113 -24.20 6.90 -22.17
C GLY C 113 -23.85 7.06 -20.69
N GLN C 114 -24.37 8.11 -20.02
CA GLN C 114 -24.11 8.36 -18.59
C GLN C 114 -24.69 7.32 -17.61
N GLY C 115 -25.68 6.56 -18.04
CA GLY C 115 -26.29 5.56 -17.17
C GLY C 115 -27.45 6.10 -16.38
N THR C 116 -28.47 5.26 -16.20
CA THR C 116 -29.65 5.66 -15.44
C THR C 116 -29.91 4.63 -14.36
N LEU C 117 -30.00 5.10 -13.11
CA LEU C 117 -30.30 4.21 -12.00
C LEU C 117 -31.79 3.92 -11.96
N VAL C 118 -32.15 2.64 -11.96
CA VAL C 118 -33.55 2.21 -11.83
C VAL C 118 -33.64 1.45 -10.53
N THR C 119 -34.50 1.92 -9.62
CA THR C 119 -34.73 1.25 -8.34
C THR C 119 -36.08 0.55 -8.40
N VAL C 120 -36.09 -0.77 -8.13
CA VAL C 120 -37.32 -1.55 -8.10
C VAL C 120 -37.82 -1.50 -6.66
N SER C 121 -38.91 -0.77 -6.42
CA SER C 121 -39.44 -0.56 -5.08
C SER C 121 -40.89 -0.17 -5.12
N SER C 122 -41.64 -0.55 -4.09
CA SER C 122 -43.04 -0.19 -3.93
C SER C 122 -43.19 1.17 -3.21
N ALA C 123 -42.10 1.69 -2.61
CA ALA C 123 -42.10 2.95 -1.84
C ALA C 123 -42.31 4.17 -2.72
N SER C 124 -42.87 5.25 -2.13
CA SER C 124 -43.16 6.48 -2.86
C SER C 124 -41.94 7.39 -2.95
N THR C 125 -41.93 8.25 -3.98
CA THR C 125 -40.84 9.22 -4.15
C THR C 125 -40.97 10.27 -3.06
N LYS C 126 -39.83 10.81 -2.62
CA LYS C 126 -39.80 11.86 -1.62
C LYS C 126 -38.64 12.78 -1.94
N GLY C 127 -38.93 14.07 -2.08
CA GLY C 127 -37.92 15.09 -2.36
C GLY C 127 -37.08 15.40 -1.13
N PRO C 128 -35.82 15.83 -1.32
CA PRO C 128 -34.98 16.13 -0.15
C PRO C 128 -35.21 17.49 0.47
N SER C 129 -34.76 17.62 1.71
CA SER C 129 -34.66 18.88 2.44
C SER C 129 -33.18 19.23 2.31
N VAL C 130 -32.87 20.52 2.04
CA VAL C 130 -31.47 20.93 1.85
C VAL C 130 -31.12 21.93 2.94
N PHE C 131 -30.09 21.60 3.74
CA PHE C 131 -29.65 22.45 4.84
C PHE C 131 -28.22 22.91 4.63
N PRO C 132 -27.89 24.16 5.01
CA PRO C 132 -26.50 24.61 4.83
C PRO C 132 -25.56 24.03 5.88
N LEU C 133 -24.29 23.83 5.47
CA LEU C 133 -23.18 23.50 6.35
C LEU C 133 -22.34 24.77 6.26
N ALA C 134 -22.68 25.76 7.09
CA ALA C 134 -22.06 27.08 7.04
C ALA C 134 -20.61 27.09 7.50
N PRO C 135 -19.71 27.83 6.79
CA PRO C 135 -18.32 27.88 7.26
C PRO C 135 -18.21 28.74 8.52
N SER C 136 -17.36 28.33 9.45
CA SER C 136 -17.12 29.05 10.70
C SER C 136 -15.68 28.78 11.13
N SER C 137 -15.27 29.30 12.31
CA SER C 137 -13.92 29.04 12.82
C SER C 137 -13.75 27.54 13.12
N LYS C 138 -14.87 26.82 13.37
CA LYS C 138 -14.84 25.38 13.64
C LYS C 138 -14.66 24.54 12.37
N SER C 139 -14.83 25.19 11.20
CA SER C 139 -14.62 24.54 9.91
C SER C 139 -13.58 25.30 9.10
N THR C 140 -12.58 25.87 9.81
CA THR C 140 -11.48 26.59 9.22
C THR C 140 -10.18 26.04 9.84
N SER C 141 -9.20 25.76 8.99
CA SER C 141 -7.89 25.25 9.42
C SER C 141 -6.84 25.96 8.61
N GLY C 142 -5.97 26.69 9.29
CA GLY C 142 -4.87 27.46 8.69
C GLY C 142 -5.13 28.11 7.34
N GLY C 143 -6.14 28.97 7.26
CA GLY C 143 -6.43 29.72 6.02
C GLY C 143 -7.42 29.06 5.08
N THR C 144 -7.77 27.79 5.34
CA THR C 144 -8.72 27.05 4.49
C THR C 144 -10.04 26.87 5.23
N ALA C 145 -11.17 27.22 4.56
CA ALA C 145 -12.51 27.03 5.11
C ALA C 145 -13.27 25.94 4.40
N ALA C 146 -14.08 25.18 5.13
CA ALA C 146 -14.92 24.17 4.52
C ALA C 146 -16.37 24.60 4.69
N LEU C 147 -17.17 24.33 3.67
CA LEU C 147 -18.61 24.63 3.67
C LEU C 147 -19.31 23.59 2.85
N GLY C 148 -20.62 23.55 2.93
CA GLY C 148 -21.35 22.55 2.16
C GLY C 148 -22.84 22.62 2.35
N CYS C 149 -23.50 21.55 1.89
CA CYS C 149 -24.95 21.36 1.97
CA CYS C 149 -24.92 21.39 2.11
C CYS C 149 -25.29 19.96 2.37
N LEU C 150 -26.21 19.79 3.32
CA LEU C 150 -26.71 18.48 3.76
C LEU C 150 -28.02 18.26 3.01
N VAL C 151 -28.08 17.18 2.21
CA VAL C 151 -29.26 16.84 1.38
C VAL C 151 -29.89 15.65 2.06
N LYS C 152 -30.95 15.91 2.81
CA LYS C 152 -31.53 14.91 3.68
C LYS C 152 -32.94 14.42 3.34
N ASP C 153 -33.18 13.12 3.63
CA ASP C 153 -34.48 12.47 3.57
C ASP C 153 -35.14 12.42 2.19
N TYR C 154 -34.49 11.76 1.24
CA TYR C 154 -35.05 11.62 -0.10
C TYR C 154 -35.14 10.16 -0.50
N PHE C 155 -35.93 9.89 -1.54
CA PHE C 155 -36.10 8.55 -2.07
C PHE C 155 -36.69 8.65 -3.46
N PRO C 156 -36.22 7.85 -4.43
CA PRO C 156 -35.07 6.93 -4.36
C PRO C 156 -33.80 7.72 -4.70
N GLU C 157 -32.69 7.01 -4.85
CA GLU C 157 -31.47 7.63 -5.33
C GLU C 157 -31.65 7.88 -6.86
N PRO C 158 -30.88 8.78 -7.51
CA PRO C 158 -29.81 9.62 -6.96
C PRO C 158 -30.21 11.09 -6.85
N VAL C 159 -29.34 11.87 -6.24
CA VAL C 159 -29.43 13.33 -6.21
C VAL C 159 -28.14 13.77 -6.87
N THR C 160 -28.17 14.91 -7.55
CA THR C 160 -26.95 15.48 -8.12
C THR C 160 -26.72 16.79 -7.39
N VAL C 161 -25.46 17.12 -7.11
CA VAL C 161 -25.12 18.38 -6.48
C VAL C 161 -24.01 19.04 -7.29
N SER C 162 -24.18 20.31 -7.59
CA SER C 162 -23.16 21.12 -8.24
C SER C 162 -22.98 22.37 -7.36
N TRP C 163 -21.88 23.10 -7.58
CA TRP C 163 -21.59 24.32 -6.83
C TRP C 163 -21.44 25.47 -7.80
N ASN C 164 -22.13 26.58 -7.53
CA ASN C 164 -22.12 27.81 -8.36
C ASN C 164 -22.42 27.49 -9.83
N SER C 165 -23.46 26.65 -10.07
CA SER C 165 -23.93 26.19 -11.39
C SER C 165 -22.85 25.47 -12.24
N GLY C 166 -21.90 24.84 -11.56
CA GLY C 166 -20.81 24.11 -12.21
C GLY C 166 -19.50 24.86 -12.32
N ALA C 167 -19.51 26.16 -11.95
CA ALA C 167 -18.31 27.02 -11.98
C ALA C 167 -17.30 26.66 -10.90
N LEU C 168 -17.76 26.00 -9.81
CA LEU C 168 -16.88 25.57 -8.73
C LEU C 168 -16.81 24.05 -8.70
N THR C 169 -15.63 23.50 -9.06
CA THR C 169 -15.41 22.04 -9.11
C THR C 169 -14.24 21.61 -8.25
N SER C 170 -13.19 22.45 -8.15
CA SER C 170 -11.97 22.16 -7.39
C SER C 170 -12.27 22.11 -5.88
N GLY C 171 -11.85 21.02 -5.24
CA GLY C 171 -12.03 20.84 -3.80
C GLY C 171 -13.41 20.39 -3.39
N VAL C 172 -14.28 20.07 -4.37
CA VAL C 172 -15.64 19.59 -4.08
C VAL C 172 -15.58 18.10 -3.79
N HIS C 173 -16.30 17.67 -2.73
CA HIS C 173 -16.49 16.26 -2.40
C HIS C 173 -17.97 16.04 -2.15
N THR C 174 -18.63 15.30 -3.05
CA THR C 174 -20.04 14.93 -2.87
C THR C 174 -19.99 13.48 -2.43
N PHE C 175 -20.38 13.24 -1.19
CA PHE C 175 -20.26 11.92 -0.59
C PHE C 175 -21.30 10.94 -1.10
N PRO C 176 -20.95 9.63 -1.09
CA PRO C 176 -21.98 8.62 -1.39
C PRO C 176 -23.12 8.78 -0.37
N ALA C 177 -24.35 8.54 -0.82
CA ALA C 177 -25.49 8.62 0.08
C ALA C 177 -25.46 7.49 1.10
N VAL C 178 -26.07 7.72 2.26
CA VAL C 178 -26.23 6.69 3.28
C VAL C 178 -27.73 6.40 3.39
N LEU C 179 -28.08 5.15 3.62
CA LEU C 179 -29.48 4.80 3.81
C LEU C 179 -29.74 4.83 5.31
N GLN C 180 -30.66 5.71 5.75
CA GLN C 180 -30.99 5.88 7.16
C GLN C 180 -31.97 4.81 7.61
N SER C 181 -32.16 4.67 8.95
CA SER C 181 -33.10 3.68 9.51
C SER C 181 -34.55 3.90 9.04
N SER C 182 -34.87 5.14 8.62
CA SER C 182 -36.18 5.55 8.09
C SER C 182 -36.44 5.02 6.67
N GLY C 183 -35.40 4.53 6.00
CA GLY C 183 -35.51 4.05 4.62
C GLY C 183 -35.34 5.16 3.59
N LEU C 184 -34.94 6.34 4.07
CA LEU C 184 -34.68 7.52 3.24
C LEU C 184 -33.17 7.77 3.20
N TYR C 185 -32.71 8.30 2.10
CA TYR C 185 -31.28 8.58 1.92
C TYR C 185 -30.89 9.97 2.42
N SER C 186 -29.59 10.13 2.68
CA SER C 186 -29.02 11.42 3.06
C SER C 186 -27.61 11.49 2.52
N LEU C 187 -27.20 12.67 2.06
CA LEU C 187 -25.81 12.89 1.67
C LEU C 187 -25.40 14.30 1.96
N SER C 188 -24.10 14.52 2.02
CA SER C 188 -23.57 15.86 2.14
C SER C 188 -22.66 16.10 0.94
N SER C 189 -22.56 17.37 0.54
CA SER C 189 -21.62 17.81 -0.49
C SER C 189 -20.86 18.95 0.13
N VAL C 190 -19.53 18.86 0.13
CA VAL C 190 -18.69 19.89 0.76
C VAL C 190 -17.70 20.47 -0.24
N VAL C 191 -17.10 21.60 0.12
CA VAL C 191 -16.06 22.21 -0.69
C VAL C 191 -15.11 22.97 0.23
N THR C 192 -13.79 22.92 -0.03
CA THR C 192 -12.81 23.71 0.72
C THR C 192 -12.41 24.87 -0.14
N VAL C 193 -12.35 26.07 0.46
CA VAL C 193 -12.05 27.34 -0.22
C VAL C 193 -11.12 28.20 0.66
N PRO C 194 -10.45 29.23 0.12
CA PRO C 194 -9.65 30.11 1.00
C PRO C 194 -10.60 30.87 1.92
N SER C 195 -10.26 30.99 3.22
N SER C 195 -10.29 30.96 3.22
CA SER C 195 -11.04 31.72 4.22
CA SER C 195 -11.11 31.70 4.18
C SER C 195 -11.21 33.19 3.81
C SER C 195 -11.26 33.17 3.75
N SER C 196 -10.22 33.72 3.07
CA SER C 196 -10.21 35.10 2.55
C SER C 196 -11.30 35.34 1.48
N SER C 197 -11.79 34.29 0.83
CA SER C 197 -12.84 34.39 -0.19
C SER C 197 -14.28 34.50 0.39
N LEU C 198 -14.46 34.15 1.68
CA LEU C 198 -15.78 34.11 2.34
C LEU C 198 -16.60 35.40 2.33
N GLY C 199 -15.93 36.54 2.45
CA GLY C 199 -16.61 37.82 2.43
C GLY C 199 -16.93 38.35 1.05
N THR C 200 -16.20 37.88 0.01
CA THR C 200 -16.36 38.34 -1.38
C THR C 200 -17.07 37.37 -2.32
N GLN C 201 -16.83 36.06 -2.19
CA GLN C 201 -17.40 35.05 -3.08
C GLN C 201 -18.67 34.40 -2.52
N THR C 202 -19.71 34.31 -3.36
CA THR C 202 -20.97 33.67 -3.02
C THR C 202 -20.86 32.17 -3.32
N TYR C 203 -21.32 31.32 -2.40
CA TYR C 203 -21.30 29.87 -2.58
C TYR C 203 -22.72 29.33 -2.50
N ILE C 204 -23.18 28.74 -3.61
CA ILE C 204 -24.53 28.19 -3.74
C ILE C 204 -24.45 26.73 -4.17
N CYS C 205 -25.15 25.85 -3.45
CA CYS C 205 -25.20 24.47 -3.89
C CYS C 205 -26.49 24.23 -4.66
N ASN C 206 -26.37 23.60 -5.84
CA ASN C 206 -27.50 23.33 -6.72
C ASN C 206 -27.83 21.86 -6.61
N VAL C 207 -28.96 21.55 -5.96
CA VAL C 207 -29.39 20.18 -5.69
C VAL C 207 -30.54 19.81 -6.63
N ASN C 208 -30.40 18.66 -7.31
CA ASN C 208 -31.43 18.18 -8.21
C ASN C 208 -31.80 16.74 -7.87
N HIS C 209 -33.09 16.48 -7.63
CA HIS C 209 -33.61 15.13 -7.37
C HIS C 209 -34.69 14.90 -8.44
N LYS C 210 -34.28 14.33 -9.58
CA LYS C 210 -35.16 14.07 -10.72
C LYS C 210 -36.44 13.26 -10.39
N PRO C 211 -36.39 12.17 -9.57
CA PRO C 211 -37.64 11.43 -9.26
C PRO C 211 -38.78 12.24 -8.66
N SER C 212 -38.46 13.30 -7.89
CA SER C 212 -39.49 14.16 -7.29
C SER C 212 -39.60 15.49 -8.01
N ASN C 213 -38.83 15.68 -9.12
CA ASN C 213 -38.74 16.92 -9.92
C ASN C 213 -38.39 18.12 -9.02
N THR C 214 -37.49 17.89 -8.04
CA THR C 214 -37.04 18.87 -7.06
C THR C 214 -35.71 19.48 -7.52
N LYS C 215 -35.67 20.82 -7.54
CA LYS C 215 -34.49 21.62 -7.87
C LYS C 215 -34.39 22.67 -6.78
N VAL C 216 -33.33 22.59 -5.96
CA VAL C 216 -33.11 23.50 -4.85
C VAL C 216 -31.74 24.17 -5.00
N ASP C 217 -31.71 25.50 -4.87
CA ASP C 217 -30.48 26.29 -4.85
C ASP C 217 -30.36 26.84 -3.45
N LYS C 218 -29.29 26.49 -2.74
CA LYS C 218 -29.12 26.93 -1.35
C LYS C 218 -27.86 27.76 -1.20
N LYS C 219 -28.02 29.05 -0.86
CA LYS C 219 -26.88 29.93 -0.61
C LYS C 219 -26.36 29.58 0.78
N VAL C 220 -25.07 29.32 0.88
CA VAL C 220 -24.46 28.97 2.16
C VAL C 220 -23.79 30.24 2.69
N GLU C 221 -24.40 30.82 3.73
CA GLU C 221 -23.97 32.07 4.35
C GLU C 221 -22.86 31.82 5.38
N PRO C 222 -21.72 32.53 5.31
CA PRO C 222 -20.66 32.30 6.30
C PRO C 222 -21.02 32.83 7.68
N LYS C 223 -20.55 32.14 8.71
CA LYS C 223 -20.74 32.55 10.11
C LYS C 223 -19.52 33.39 10.49
N SER C 224 -19.75 34.48 11.24
CA SER C 224 -18.66 35.38 11.66
C SER C 224 -17.92 34.93 12.95
N CYS C 225 -18.27 33.74 13.47
N CYS C 225 -18.28 33.75 13.48
CA CYS C 225 -17.71 33.16 14.68
CA CYS C 225 -17.70 33.18 14.69
C CYS C 225 -16.99 31.85 14.36
C CYS C 225 -16.93 31.89 14.41
N ASP D 1 -22.32 -20.02 -20.98
CA ASP D 1 -21.71 -18.69 -21.03
C ASP D 1 -20.22 -18.75 -20.78
N VAL D 2 -19.45 -17.90 -21.48
CA VAL D 2 -18.00 -17.84 -21.29
C VAL D 2 -17.75 -17.19 -19.94
N VAL D 3 -17.01 -17.89 -19.09
CA VAL D 3 -16.67 -17.38 -17.77
C VAL D 3 -15.40 -16.58 -17.93
N MET D 4 -15.44 -15.33 -17.48
CA MET D 4 -14.28 -14.45 -17.56
C MET D 4 -13.68 -14.23 -16.17
N THR D 5 -12.41 -14.60 -15.98
CA THR D 5 -11.71 -14.42 -14.69
C THR D 5 -10.65 -13.34 -14.76
N GLN D 6 -10.82 -12.31 -13.95
CA GLN D 6 -9.89 -11.20 -13.85
C GLN D 6 -9.13 -11.20 -12.53
N SER D 7 -7.82 -10.98 -12.59
CA SER D 7 -7.00 -10.91 -11.37
C SER D 7 -5.87 -9.90 -11.53
N PRO D 8 -5.43 -9.26 -10.43
CA PRO D 8 -5.92 -9.36 -9.05
C PRO D 8 -7.27 -8.63 -8.91
N LEU D 9 -8.00 -8.88 -7.82
CA LEU D 9 -9.26 -8.15 -7.58
C LEU D 9 -8.95 -6.70 -7.17
N SER D 10 -7.89 -6.53 -6.34
CA SER D 10 -7.45 -5.24 -5.83
C SER D 10 -5.98 -5.04 -6.26
N LEU D 11 -5.65 -3.84 -6.77
CA LEU D 11 -4.31 -3.58 -7.23
C LEU D 11 -3.71 -2.27 -6.69
N PRO D 12 -3.17 -2.29 -5.45
CA PRO D 12 -2.44 -1.11 -4.97
C PRO D 12 -1.09 -1.04 -5.68
N VAL D 13 -0.71 0.16 -6.12
CA VAL D 13 0.54 0.39 -6.85
C VAL D 13 1.02 1.80 -6.59
N THR D 14 2.34 2.01 -6.53
CA THR D 14 2.85 3.38 -6.34
C THR D 14 2.95 4.10 -7.68
N LEU D 15 2.85 5.44 -7.64
CA LEU D 15 2.97 6.26 -8.85
C LEU D 15 4.27 5.98 -9.57
N GLY D 16 4.18 5.91 -10.88
CA GLY D 16 5.35 5.71 -11.73
C GLY D 16 5.71 4.25 -11.94
N GLN D 17 5.11 3.34 -11.18
CA GLN D 17 5.39 1.91 -11.32
C GLN D 17 4.49 1.25 -12.37
N PRO D 18 4.91 0.10 -12.94
CA PRO D 18 4.02 -0.60 -13.87
C PRO D 18 2.93 -1.37 -13.13
N ALA D 19 1.90 -1.78 -13.88
CA ALA D 19 0.83 -2.63 -13.35
C ALA D 19 0.41 -3.61 -14.44
N SER D 20 -0.10 -4.79 -14.04
CA SER D 20 -0.51 -5.81 -14.99
C SER D 20 -1.82 -6.45 -14.52
N ILE D 21 -2.82 -6.49 -15.38
CA ILE D 21 -4.14 -7.04 -15.05
C ILE D 21 -4.38 -8.21 -15.98
N SER D 22 -4.72 -9.37 -15.40
CA SER D 22 -4.94 -10.61 -16.13
C SER D 22 -6.43 -10.82 -16.37
N CYS D 23 -6.79 -11.28 -17.56
CA CYS D 23 -8.15 -11.66 -17.94
C CYS D 23 -8.05 -13.02 -18.62
N LYS D 24 -8.68 -14.05 -18.02
CA LYS D 24 -8.66 -15.37 -18.63
C LYS D 24 -10.10 -15.78 -18.96
N SER D 25 -10.29 -16.49 -20.06
CA SER D 25 -11.63 -16.93 -20.46
C SER D 25 -11.71 -18.45 -20.42
N SER D 26 -12.91 -18.98 -20.17
CA SER D 26 -13.14 -20.44 -20.11
C SER D 26 -13.21 -21.10 -21.50
N GLN D 27 -13.33 -20.28 -22.57
N GLN D 27 -13.32 -20.28 -22.56
CA GLN D 27 -13.38 -20.71 -23.96
CA GLN D 27 -13.38 -20.71 -23.95
C GLN D 27 -12.55 -19.75 -24.80
C GLN D 27 -12.54 -19.75 -24.79
N SER D 28 -12.01 -20.22 -25.93
CA SER D 28 -11.23 -19.37 -26.84
C SER D 28 -12.08 -18.19 -27.31
N LEU D 29 -11.45 -17.01 -27.40
CA LEU D 29 -12.15 -15.80 -27.86
C LEU D 29 -11.85 -15.51 -29.33
N LEU D 30 -11.20 -16.46 -30.01
CA LEU D 30 -10.92 -16.30 -31.44
C LEU D 30 -12.21 -16.57 -32.23
N TYR D 31 -12.73 -15.53 -32.90
CA TYR D 31 -13.94 -15.66 -33.70
C TYR D 31 -13.62 -16.26 -35.09
N THR D 32 -14.65 -16.71 -35.81
CA THR D 32 -14.51 -17.32 -37.15
C THR D 32 -13.95 -16.38 -38.24
N ASP D 33 -13.94 -15.06 -37.99
CA ASP D 33 -13.38 -14.06 -38.92
C ASP D 33 -11.89 -13.77 -38.63
N GLY D 34 -11.31 -14.51 -37.69
CA GLY D 34 -9.90 -14.36 -37.30
C GLY D 34 -9.65 -13.23 -36.32
N LYS D 35 -10.72 -12.57 -35.86
CA LYS D 35 -10.63 -11.46 -34.89
C LYS D 35 -10.98 -11.97 -33.50
N THR D 36 -10.41 -11.33 -32.47
CA THR D 36 -10.62 -11.70 -31.06
C THR D 36 -11.27 -10.48 -30.40
N TYR D 37 -12.57 -10.61 -30.08
CA TYR D 37 -13.37 -9.52 -29.53
C TYR D 37 -13.22 -9.42 -28.02
N LEU D 38 -12.06 -8.94 -27.60
CA LEU D 38 -11.69 -8.77 -26.19
C LEU D 38 -11.44 -7.26 -26.00
N TYR D 39 -12.18 -6.66 -25.05
CA TYR D 39 -12.11 -5.23 -24.79
C TYR D 39 -11.69 -4.97 -23.35
N TRP D 40 -11.16 -3.76 -23.10
CA TRP D 40 -10.83 -3.32 -21.73
C TRP D 40 -11.46 -1.95 -21.50
N PHE D 41 -12.02 -1.76 -20.29
CA PHE D 41 -12.63 -0.49 -19.89
C PHE D 41 -12.10 -0.04 -18.56
N LEU D 42 -12.12 1.29 -18.33
CA LEU D 42 -11.84 1.87 -17.02
C LEU D 42 -13.11 2.59 -16.57
N GLN D 43 -13.60 2.24 -15.38
CA GLN D 43 -14.76 2.89 -14.80
C GLN D 43 -14.27 3.73 -13.62
N ARG D 44 -14.27 5.04 -13.83
CA ARG D 44 -13.86 5.99 -12.81
C ARG D 44 -15.04 6.18 -11.84
N PRO D 45 -14.79 6.60 -10.58
CA PRO D 45 -15.90 6.75 -9.63
C PRO D 45 -17.04 7.66 -10.10
N GLY D 46 -18.26 7.15 -10.00
CA GLY D 46 -19.49 7.84 -10.40
C GLY D 46 -19.67 8.05 -11.90
N GLN D 47 -18.79 7.45 -12.73
CA GLN D 47 -18.85 7.59 -14.18
C GLN D 47 -19.18 6.27 -14.87
N SER D 48 -19.51 6.37 -16.16
CA SER D 48 -19.79 5.19 -16.95
CA SER D 48 -19.79 5.21 -16.98
C SER D 48 -18.45 4.55 -17.35
N PRO D 49 -18.43 3.23 -17.65
CA PRO D 49 -17.16 2.65 -18.14
C PRO D 49 -16.72 3.40 -19.41
N ARG D 50 -15.40 3.55 -19.58
CA ARG D 50 -14.82 4.22 -20.74
C ARG D 50 -13.90 3.20 -21.40
N ARG D 51 -14.05 3.01 -22.72
CA ARG D 51 -13.20 2.03 -23.39
C ARG D 51 -11.77 2.48 -23.54
N LEU D 52 -10.84 1.57 -23.23
CA LEU D 52 -9.41 1.85 -23.43
C LEU D 52 -8.88 1.06 -24.61
N ILE D 53 -9.27 -0.22 -24.69
CA ILE D 53 -8.74 -1.12 -25.71
C ILE D 53 -9.84 -1.98 -26.32
N TYR D 54 -9.68 -2.30 -27.61
CA TYR D 54 -10.58 -3.21 -28.32
C TYR D 54 -9.70 -4.13 -29.17
N LEU D 55 -10.25 -5.26 -29.60
CA LEU D 55 -9.53 -6.24 -30.41
C LEU D 55 -8.17 -6.59 -29.78
N VAL D 56 -8.19 -6.83 -28.45
CA VAL D 56 -7.06 -7.27 -27.61
C VAL D 56 -6.01 -6.18 -27.34
N SER D 57 -5.54 -5.51 -28.42
CA SER D 57 -4.39 -4.62 -28.35
C SER D 57 -4.56 -3.25 -28.96
N LYS D 58 -5.72 -2.95 -29.55
CA LYS D 58 -5.91 -1.66 -30.22
C LYS D 58 -6.36 -0.59 -29.24
N LEU D 59 -5.66 0.53 -29.21
CA LEU D 59 -6.04 1.62 -28.32
C LEU D 59 -7.07 2.52 -28.95
N ASP D 60 -8.04 2.96 -28.16
CA ASP D 60 -9.00 3.93 -28.67
C ASP D 60 -8.32 5.29 -28.83
N SER D 61 -8.84 6.15 -29.73
CA SER D 61 -8.26 7.47 -29.94
C SER D 61 -8.26 8.26 -28.63
N GLY D 62 -7.15 8.92 -28.33
CA GLY D 62 -7.02 9.72 -27.12
C GLY D 62 -6.59 8.96 -25.89
N VAL D 63 -6.53 7.61 -25.96
CA VAL D 63 -6.09 6.79 -24.83
C VAL D 63 -4.56 6.87 -24.72
N PRO D 64 -4.02 7.19 -23.52
CA PRO D 64 -2.56 7.30 -23.40
C PRO D 64 -1.83 6.00 -23.75
N ASP D 65 -0.66 6.15 -24.42
CA ASP D 65 0.18 5.04 -24.85
C ASP D 65 0.78 4.22 -23.70
N ARG D 66 0.57 4.67 -22.43
CA ARG D 66 1.05 3.93 -21.27
CA ARG D 66 1.03 3.95 -21.24
C ARG D 66 0.24 2.64 -21.10
N PHE D 67 -0.97 2.59 -21.73
CA PHE D 67 -1.83 1.41 -21.72
C PHE D 67 -1.50 0.54 -22.92
N SER D 68 -1.44 -0.77 -22.70
CA SER D 68 -1.26 -1.73 -23.79
C SER D 68 -1.98 -3.02 -23.44
N GLY D 69 -2.43 -3.71 -24.48
CA GLY D 69 -3.12 -4.98 -24.33
C GLY D 69 -2.44 -6.07 -25.11
N SER D 70 -2.45 -7.29 -24.58
CA SER D 70 -1.86 -8.43 -25.28
C SER D 70 -2.63 -9.71 -24.93
N GLY D 71 -2.25 -10.79 -25.60
CA GLY D 71 -2.85 -12.09 -25.39
C GLY D 71 -3.49 -12.69 -26.61
N SER D 72 -3.95 -13.93 -26.47
CA SER D 72 -4.60 -14.68 -27.53
C SER D 72 -5.33 -15.84 -26.90
N GLY D 73 -6.34 -16.35 -27.61
CA GLY D 73 -7.11 -17.51 -27.21
C GLY D 73 -7.88 -17.31 -25.92
N THR D 74 -7.30 -17.78 -24.80
CA THR D 74 -7.93 -17.72 -23.48
C THR D 74 -7.17 -16.87 -22.44
N ASP D 75 -6.01 -16.28 -22.78
CA ASP D 75 -5.20 -15.54 -21.82
C ASP D 75 -4.87 -14.15 -22.32
N PHE D 76 -5.29 -13.12 -21.57
CA PHE D 76 -5.14 -11.72 -21.98
C PHE D 76 -4.61 -10.88 -20.84
N THR D 77 -3.92 -9.78 -21.17
CA THR D 77 -3.32 -8.89 -20.18
C THR D 77 -3.44 -7.44 -20.59
N LEU D 78 -3.79 -6.59 -19.62
CA LEU D 78 -3.76 -5.15 -19.77
C LEU D 78 -2.56 -4.69 -18.94
N LYS D 79 -1.67 -3.92 -19.54
CA LYS D 79 -0.49 -3.41 -18.85
C LYS D 79 -0.52 -1.91 -18.81
N ILE D 80 -0.06 -1.32 -17.70
CA ILE D 80 0.12 0.13 -17.59
C ILE D 80 1.62 0.28 -17.37
N SER D 81 2.33 0.94 -18.29
CA SER D 81 3.80 1.03 -18.20
C SER D 81 4.27 1.77 -16.95
N ARG D 82 3.61 2.90 -16.64
CA ARG D 82 3.91 3.79 -15.50
C ARG D 82 2.58 4.35 -15.05
N VAL D 83 2.16 3.96 -13.86
CA VAL D 83 0.86 4.39 -13.32
C VAL D 83 0.85 5.86 -12.95
N GLU D 84 -0.24 6.54 -13.33
CA GLU D 84 -0.47 7.96 -13.00
C GLU D 84 -1.67 8.03 -12.07
N ALA D 85 -1.79 9.13 -11.33
CA ALA D 85 -2.87 9.30 -10.36
C ALA D 85 -4.26 9.17 -10.98
N GLU D 86 -4.44 9.64 -12.23
CA GLU D 86 -5.73 9.56 -12.92
C GLU D 86 -6.12 8.14 -13.36
N ASP D 87 -5.23 7.15 -13.18
CA ASP D 87 -5.53 5.76 -13.57
C ASP D 87 -6.36 4.99 -12.55
N VAL D 88 -6.67 5.62 -11.41
CA VAL D 88 -7.47 4.92 -10.38
C VAL D 88 -8.92 4.65 -10.83
N GLY D 89 -9.45 3.53 -10.36
CA GLY D 89 -10.80 3.13 -10.71
C GLY D 89 -10.86 1.63 -10.91
N VAL D 90 -11.95 1.17 -11.53
CA VAL D 90 -12.15 -0.27 -11.74
C VAL D 90 -12.00 -0.59 -13.20
N TYR D 91 -11.10 -1.53 -13.51
CA TYR D 91 -10.87 -1.97 -14.88
C TYR D 91 -11.65 -3.25 -15.12
N TYR D 92 -12.30 -3.35 -16.30
CA TYR D 92 -13.05 -4.53 -16.66
C TYR D 92 -12.63 -5.04 -18.02
N CYS D 93 -12.53 -6.38 -18.17
CA CYS D 93 -12.37 -6.95 -19.48
C CYS D 93 -13.76 -7.44 -19.92
N LEU D 94 -13.96 -7.57 -21.24
CA LEU D 94 -15.23 -8.01 -21.79
C LEU D 94 -14.94 -8.84 -23.03
N GLN D 95 -15.70 -9.93 -23.23
CA GLN D 95 -15.63 -10.68 -24.47
C GLN D 95 -16.97 -10.54 -25.19
N SER D 96 -16.93 -10.34 -26.51
CA SER D 96 -18.13 -10.35 -27.33
C SER D 96 -17.99 -11.33 -28.52
N THR D 97 -17.03 -12.27 -28.43
CA THR D 97 -16.86 -13.33 -29.45
C THR D 97 -18.06 -14.29 -29.38
N HIS D 98 -18.55 -14.52 -28.15
CA HIS D 98 -19.67 -15.42 -27.90
C HIS D 98 -20.85 -14.70 -27.29
N PHE D 99 -22.04 -15.20 -27.59
CA PHE D 99 -23.29 -14.75 -26.98
C PHE D 99 -23.65 -15.76 -25.88
N PRO D 100 -24.03 -15.30 -24.67
CA PRO D 100 -24.12 -13.90 -24.24
C PRO D 100 -22.73 -13.30 -23.99
N HIS D 101 -22.60 -12.00 -24.22
CA HIS D 101 -21.33 -11.32 -23.94
C HIS D 101 -21.13 -11.28 -22.43
N THR D 102 -19.89 -11.46 -21.97
CA THR D 102 -19.61 -11.54 -20.54
C THR D 102 -18.39 -10.73 -20.15
N PHE D 103 -18.47 -10.11 -18.95
CA PHE D 103 -17.42 -9.29 -18.39
C PHE D 103 -16.66 -10.04 -17.32
N GLY D 104 -15.41 -9.63 -17.11
CA GLY D 104 -14.60 -10.05 -15.97
C GLY D 104 -15.17 -9.35 -14.74
N GLY D 105 -14.76 -9.81 -13.54
CA GLY D 105 -15.27 -9.27 -12.29
C GLY D 105 -14.74 -7.92 -11.85
N GLY D 106 -13.75 -7.40 -12.58
CA GLY D 106 -13.17 -6.10 -12.28
C GLY D 106 -11.93 -6.16 -11.42
N THR D 107 -11.06 -5.17 -11.59
CA THR D 107 -9.83 -5.00 -10.82
C THR D 107 -9.80 -3.53 -10.40
N LYS D 108 -9.71 -3.28 -9.08
CA LYS D 108 -9.69 -1.89 -8.62
C LYS D 108 -8.26 -1.45 -8.41
N VAL D 109 -7.80 -0.48 -9.21
CA VAL D 109 -6.46 0.08 -9.05
C VAL D 109 -6.54 1.18 -8.00
N GLU D 110 -5.62 1.12 -7.02
CA GLU D 110 -5.50 2.08 -5.92
C GLU D 110 -4.06 2.60 -5.94
N ILE D 111 -3.87 3.92 -5.76
CA ILE D 111 -2.52 4.46 -5.65
C ILE D 111 -2.06 4.31 -4.22
N LYS D 112 -0.91 3.68 -4.04
CA LYS D 112 -0.25 3.56 -2.74
C LYS D 112 0.65 4.80 -2.67
N ARG D 113 0.32 5.74 -1.78
CA ARG D 113 1.10 6.98 -1.70
C ARG D 113 1.56 7.23 -0.28
N THR D 114 2.27 8.35 -0.08
CA THR D 114 2.73 8.69 1.25
C THR D 114 1.52 9.04 2.13
N VAL D 115 1.73 8.96 3.45
CA VAL D 115 0.72 9.30 4.42
C VAL D 115 0.37 10.78 4.29
N ALA D 116 -0.94 11.09 4.35
CA ALA D 116 -1.44 12.47 4.30
C ALA D 116 -2.45 12.62 5.42
N ALA D 117 -2.19 13.55 6.35
CA ALA D 117 -3.08 13.77 7.48
C ALA D 117 -4.36 14.43 7.01
N PRO D 118 -5.52 14.09 7.60
CA PRO D 118 -6.74 14.81 7.20
C PRO D 118 -6.82 16.18 7.86
N SER D 119 -7.56 17.10 7.23
CA SER D 119 -7.93 18.37 7.81
C SER D 119 -9.30 18.05 8.41
N VAL D 120 -9.53 18.41 9.69
CA VAL D 120 -10.78 18.06 10.37
C VAL D 120 -11.65 19.31 10.57
N PHE D 121 -12.95 19.21 10.22
CA PHE D 121 -13.89 20.32 10.33
C PHE D 121 -15.18 19.83 10.97
N ILE D 122 -15.79 20.64 11.82
CA ILE D 122 -17.06 20.29 12.47
C ILE D 122 -18.13 21.34 12.13
N PHE D 123 -19.37 20.86 11.92
CA PHE D 123 -20.50 21.73 11.61
C PHE D 123 -21.66 21.45 12.54
N PRO D 124 -22.09 22.49 13.27
CA PRO D 124 -23.31 22.33 14.10
C PRO D 124 -24.55 22.22 13.22
N PRO D 125 -25.70 21.75 13.73
CA PRO D 125 -26.91 21.75 12.89
C PRO D 125 -27.33 23.17 12.55
N SER D 126 -27.96 23.34 11.38
CA SER D 126 -28.47 24.64 10.94
C SER D 126 -29.72 24.99 11.75
N ASP D 127 -30.00 26.30 11.93
CA ASP D 127 -31.21 26.74 12.60
C ASP D 127 -32.45 26.26 11.84
N GLU D 128 -32.36 26.24 10.49
CA GLU D 128 -33.41 25.77 9.56
C GLU D 128 -33.80 24.33 9.89
N GLN D 129 -32.81 23.44 10.09
CA GLN D 129 -33.09 22.04 10.43
C GLN D 129 -33.68 21.90 11.82
N LEU D 130 -33.13 22.65 12.80
CA LEU D 130 -33.61 22.60 14.19
C LEU D 130 -35.11 22.89 14.32
N LYS D 131 -35.66 23.79 13.46
CA LYS D 131 -37.08 24.14 13.39
C LYS D 131 -37.95 22.91 13.08
N SER D 132 -37.42 21.94 12.31
CA SER D 132 -38.11 20.71 11.92
C SER D 132 -38.06 19.55 12.94
N GLY D 133 -37.37 19.75 14.06
CA GLY D 133 -37.30 18.76 15.13
C GLY D 133 -36.13 17.78 15.14
N THR D 134 -35.19 17.90 14.18
CA THR D 134 -34.02 17.02 14.10
C THR D 134 -32.73 17.84 14.06
N ALA D 135 -31.63 17.26 14.59
CA ALA D 135 -30.32 17.89 14.61
C ALA D 135 -29.29 16.95 14.00
N SER D 136 -28.65 17.37 12.90
CA SER D 136 -27.58 16.62 12.27
C SER D 136 -26.29 17.38 12.53
N VAL D 137 -25.30 16.73 13.13
CA VAL D 137 -23.99 17.31 13.42
C VAL D 137 -23.01 16.62 12.46
N VAL D 138 -22.25 17.41 11.69
CA VAL D 138 -21.37 16.82 10.66
C VAL D 138 -19.90 17.03 10.96
N CYS D 139 -19.11 15.96 10.86
CA CYS D 139 -17.65 16.01 11.01
C CYS D 139 -17.05 15.62 9.67
N LEU D 140 -16.17 16.47 9.14
CA LEU D 140 -15.54 16.22 7.84
C LEU D 140 -14.04 15.97 8.02
N LEU D 141 -13.52 14.92 7.38
CA LEU D 141 -12.09 14.57 7.36
C LEU D 141 -11.72 14.73 5.90
N ASN D 142 -10.94 15.76 5.59
CA ASN D 142 -10.63 16.07 4.22
C ASN D 142 -9.25 15.66 3.74
N ASN D 143 -9.21 15.00 2.56
CA ASN D 143 -7.98 14.67 1.84
C ASN D 143 -6.87 13.97 2.63
N PHE D 144 -7.16 12.72 3.04
CA PHE D 144 -6.21 11.92 3.82
C PHE D 144 -5.82 10.59 3.12
N TYR D 145 -4.72 10.01 3.57
CA TYR D 145 -4.25 8.71 3.08
C TYR D 145 -3.42 8.09 4.20
N PRO D 146 -3.59 6.78 4.55
CA PRO D 146 -4.50 5.78 3.93
C PRO D 146 -5.96 5.96 4.31
N ARG D 147 -6.83 5.11 3.74
CA ARG D 147 -8.27 5.15 3.93
C ARG D 147 -8.69 4.94 5.40
N GLU D 148 -7.94 4.12 6.15
CA GLU D 148 -8.24 3.80 7.55
C GLU D 148 -8.25 5.02 8.45
N ALA D 149 -9.41 5.28 9.03
CA ALA D 149 -9.61 6.41 9.93
C ALA D 149 -10.70 6.03 10.92
N LYS D 150 -10.61 6.56 12.13
CA LYS D 150 -11.60 6.31 13.16
C LYS D 150 -12.17 7.65 13.61
N VAL D 151 -13.49 7.75 13.61
CA VAL D 151 -14.21 8.94 14.04
C VAL D 151 -15.04 8.53 15.23
N GLN D 152 -14.88 9.25 16.34
CA GLN D 152 -15.62 9.01 17.57
C GLN D 152 -16.35 10.29 17.96
N TRP D 153 -17.65 10.18 18.21
CA TRP D 153 -18.47 11.30 18.64
C TRP D 153 -18.58 11.31 20.16
N LYS D 154 -18.39 12.48 20.78
CA LYS D 154 -18.51 12.66 22.22
C LYS D 154 -19.46 13.83 22.46
N VAL D 155 -20.49 13.61 23.29
CA VAL D 155 -21.50 14.62 23.64
C VAL D 155 -21.37 14.82 25.16
N ASP D 156 -20.87 16.00 25.57
CA ASP D 156 -20.58 16.33 26.98
C ASP D 156 -19.62 15.27 27.57
N ASN D 157 -18.61 14.90 26.75
CA ASN D 157 -17.55 13.93 27.01
C ASN D 157 -18.04 12.47 27.09
N ALA D 158 -19.32 12.21 26.74
CA ALA D 158 -19.86 10.85 26.73
C ALA D 158 -19.73 10.25 25.31
N LEU D 159 -19.01 9.12 25.19
CA LEU D 159 -18.82 8.44 23.90
C LEU D 159 -20.17 7.97 23.35
N GLN D 160 -20.47 8.35 22.12
CA GLN D 160 -21.71 8.01 21.42
C GLN D 160 -21.59 6.71 20.65
N SER D 161 -22.72 5.97 20.54
N SER D 161 -22.71 5.97 20.55
CA SER D 161 -22.79 4.71 19.81
CA SER D 161 -22.79 4.72 19.80
C SER D 161 -24.17 4.50 19.19
C SER D 161 -24.17 4.53 19.18
N GLY D 162 -24.19 4.06 17.94
CA GLY D 162 -25.41 3.75 17.20
C GLY D 162 -26.22 4.91 16.66
N ASN D 163 -25.74 6.16 16.81
CA ASN D 163 -26.46 7.33 16.33
C ASN D 163 -25.68 8.14 15.29
N SER D 164 -24.68 7.50 14.65
CA SER D 164 -23.91 8.13 13.60
C SER D 164 -23.74 7.23 12.38
N GLN D 165 -23.54 7.86 11.22
CA GLN D 165 -23.29 7.16 9.96
C GLN D 165 -22.18 7.90 9.26
N GLU D 166 -21.37 7.14 8.55
CA GLU D 166 -20.31 7.76 7.80
C GLU D 166 -20.26 7.28 6.37
N SER D 167 -19.70 8.14 5.51
CA SER D 167 -19.59 7.94 4.08
C SER D 167 -18.17 8.34 3.68
N VAL D 168 -17.58 7.61 2.74
N VAL D 168 -17.56 7.61 2.74
CA VAL D 168 -16.21 7.87 2.29
CA VAL D 168 -16.18 7.86 2.29
C VAL D 168 -16.15 7.95 0.78
C VAL D 168 -16.16 7.96 0.78
N THR D 169 -15.42 8.93 0.25
CA THR D 169 -15.28 9.09 -1.20
C THR D 169 -14.34 8.02 -1.75
N GLU D 170 -14.33 7.86 -3.07
CA GLU D 170 -13.37 6.98 -3.71
C GLU D 170 -12.08 7.80 -3.81
N GLN D 171 -10.97 7.13 -4.05
CA GLN D 171 -9.67 7.79 -4.10
C GLN D 171 -9.63 8.90 -5.18
N ASP D 172 -9.17 10.09 -4.79
CA ASP D 172 -9.11 11.28 -5.66
C ASP D 172 -8.18 11.05 -6.84
N SER D 173 -8.63 11.44 -8.05
CA SER D 173 -7.84 11.24 -9.27
C SER D 173 -6.61 12.14 -9.40
N LYS D 174 -6.49 13.18 -8.54
CA LYS D 174 -5.34 14.09 -8.59
C LYS D 174 -4.34 13.87 -7.46
N ASP D 175 -4.79 13.86 -6.19
CA ASP D 175 -3.87 13.71 -5.06
C ASP D 175 -3.91 12.33 -4.39
N SER D 176 -4.72 11.39 -4.92
CA SER D 176 -4.80 10.01 -4.41
C SER D 176 -5.25 9.90 -2.95
N THR D 177 -6.01 10.90 -2.47
CA THR D 177 -6.50 10.86 -1.10
C THR D 177 -7.97 10.46 -1.04
N TYR D 178 -8.46 10.28 0.20
CA TYR D 178 -9.85 10.01 0.50
C TYR D 178 -10.39 11.14 1.37
N SER D 179 -11.72 11.30 1.36
CA SER D 179 -12.39 12.21 2.28
C SER D 179 -13.54 11.46 2.94
N LEU D 180 -13.89 11.84 4.17
CA LEU D 180 -14.91 11.11 4.93
C LEU D 180 -15.79 12.11 5.64
N SER D 181 -17.10 11.79 5.68
CA SER D 181 -18.07 12.60 6.40
CA SER D 181 -18.07 12.60 6.42
C SER D 181 -18.75 11.70 7.43
N SER D 182 -18.88 12.16 8.66
CA SER D 182 -19.58 11.42 9.70
C SER D 182 -20.69 12.33 10.20
N THR D 183 -21.92 11.81 10.24
CA THR D 183 -23.08 12.59 10.68
C THR D 183 -23.65 11.97 11.93
N LEU D 184 -23.75 12.78 12.99
CA LEU D 184 -24.37 12.42 14.25
C LEU D 184 -25.80 12.95 14.19
N THR D 185 -26.79 12.07 14.38
CA THR D 185 -28.19 12.48 14.34
C THR D 185 -28.85 12.33 15.68
N LEU D 186 -29.47 13.40 16.15
CA LEU D 186 -30.19 13.44 17.42
C LEU D 186 -31.51 14.14 17.21
N SER D 187 -32.49 13.89 18.10
CA SER D 187 -33.72 14.65 18.08
C SER D 187 -33.36 16.06 18.59
N LYS D 188 -34.16 17.08 18.24
CA LYS D 188 -33.94 18.45 18.72
C LYS D 188 -33.91 18.47 20.26
N ALA D 189 -34.83 17.71 20.91
CA ALA D 189 -34.91 17.62 22.37
C ALA D 189 -33.63 17.08 23.01
N ASP D 190 -33.03 16.02 22.41
CA ASP D 190 -31.78 15.44 22.90
C ASP D 190 -30.61 16.39 22.66
N TYR D 191 -30.61 17.05 21.49
CA TYR D 191 -29.57 18.02 21.13
C TYR D 191 -29.53 19.18 22.13
N GLU D 192 -30.71 19.71 22.50
CA GLU D 192 -30.85 20.83 23.43
C GLU D 192 -30.49 20.50 24.88
N LYS D 193 -30.37 19.20 25.22
CA LYS D 193 -30.03 18.74 26.56
C LYS D 193 -28.53 18.79 26.86
N HIS D 194 -27.71 18.95 25.81
CA HIS D 194 -26.27 18.92 25.95
C HIS D 194 -25.54 20.15 25.40
N LYS D 195 -24.32 20.38 25.87
CA LYS D 195 -23.53 21.56 25.49
C LYS D 195 -22.40 21.29 24.50
N VAL D 196 -21.43 20.44 24.88
CA VAL D 196 -20.22 20.17 24.10
C VAL D 196 -20.40 19.02 23.12
N TYR D 197 -20.23 19.32 21.83
CA TYR D 197 -20.32 18.35 20.74
C TYR D 197 -18.96 18.24 20.13
N ALA D 198 -18.39 17.02 20.13
CA ALA D 198 -17.04 16.82 19.67
C ALA D 198 -16.86 15.60 18.78
N CYS D 199 -16.03 15.73 17.74
N CYS D 199 -15.96 15.75 17.82
CA CYS D 199 -15.65 14.58 16.91
CA CYS D 199 -15.57 14.72 16.90
C CYS D 199 -14.13 14.39 17.02
C CYS D 199 -14.08 14.45 17.13
N GLU D 200 -13.72 13.20 17.49
CA GLU D 200 -12.33 12.83 17.74
C GLU D 200 -11.87 11.93 16.61
N VAL D 201 -10.79 12.33 15.93
CA VAL D 201 -10.25 11.64 14.76
C VAL D 201 -8.90 11.01 15.05
N THR D 202 -8.77 9.71 14.72
CA THR D 202 -7.52 8.95 14.80
C THR D 202 -7.16 8.55 13.37
N HIS D 203 -5.93 8.86 12.98
CA HIS D 203 -5.40 8.56 11.64
C HIS D 203 -3.86 8.55 11.74
N GLN D 204 -3.24 7.73 10.88
CA GLN D 204 -1.78 7.55 10.81
C GLN D 204 -1.01 8.87 10.61
N GLY D 205 -1.60 9.82 9.88
CA GLY D 205 -1.00 11.12 9.62
C GLY D 205 -1.02 12.08 10.78
N LEU D 206 -1.75 11.73 11.84
CA LEU D 206 -1.91 12.55 13.03
C LEU D 206 -1.08 11.96 14.17
N SER D 207 -0.10 12.74 14.69
CA SER D 207 0.81 12.31 15.77
C SER D 207 0.03 11.89 17.03
N SER D 208 -1.11 12.56 17.28
CA SER D 208 -2.03 12.28 18.37
C SER D 208 -3.46 12.54 17.84
N PRO D 209 -4.52 11.87 18.38
CA PRO D 209 -5.88 12.13 17.87
C PRO D 209 -6.29 13.60 17.95
N VAL D 210 -7.00 14.07 16.91
CA VAL D 210 -7.45 15.44 16.79
C VAL D 210 -8.93 15.54 17.15
N THR D 211 -9.26 16.44 18.08
CA THR D 211 -10.65 16.70 18.46
C THR D 211 -11.07 18.08 17.98
N LYS D 212 -12.20 18.15 17.25
CA LYS D 212 -12.83 19.40 16.82
C LYS D 212 -14.14 19.44 17.57
N SER D 213 -14.45 20.57 18.19
CA SER D 213 -15.66 20.68 19.00
C SER D 213 -16.28 22.06 18.93
N PHE D 214 -17.53 22.14 19.42
CA PHE D 214 -18.26 23.40 19.55
C PHE D 214 -19.21 23.28 20.73
N ASN D 215 -19.63 24.43 21.27
CA ASN D 215 -20.60 24.52 22.34
C ASN D 215 -21.90 24.95 21.68
N ARG D 216 -22.96 24.17 21.89
CA ARG D 216 -24.29 24.44 21.31
C ARG D 216 -24.74 25.88 21.55
N GLY D 217 -25.19 26.54 20.47
CA GLY D 217 -25.71 27.90 20.50
C GLY D 217 -24.73 29.04 20.36
N GLU D 218 -23.42 28.77 20.52
CA GLU D 218 -22.39 29.82 20.41
C GLU D 218 -22.18 30.31 19.00
N CYS D 219 -22.31 29.44 17.98
CA CYS D 219 -22.11 29.84 16.59
C CYS D 219 -23.06 29.13 15.65
N3 4CC E . 38.40 0.83 -16.19
C4 4CC E . 40.86 1.28 -15.87
C5 4CC E . 41.13 -1.35 -16.84
C7 4CC E . 37.73 -0.24 -16.69
C8 4CC E . 37.87 2.07 -15.64
C10 4CC E . 42.25 -0.59 -16.48
C17 4CC E . 44.19 -0.75 -14.21
C20 4CC E . 36.65 -1.52 -14.10
C21 4CC E . 43.21 -1.58 -13.64
C24 4CC E . 35.65 -4.06 -13.52
C26 4CC E . 42.88 -1.43 -12.30
C28 4CC E . 47.62 -3.07 -15.66
C1 4CC E . 39.74 0.54 -16.24
C2 4CC E . 39.84 -0.76 -16.73
N6 4CC E . 38.58 -1.19 -16.99
C9 4CC E . 42.11 0.72 -16.00
C11 4CC E . 36.23 -0.38 -16.78
C12 4CC E . 43.61 -1.19 -16.50
N13 4CC E . 35.83 -1.74 -16.39
N14 4CC E . 44.54 -0.81 -15.58
O15 4CC E . 43.87 -2.05 -17.35
C16 4CC E . 36.00 -2.26 -15.08
C18 4CC E . 45.94 -1.23 -15.83
C19 4CC E . 35.50 -3.53 -14.80
N22 4CC E . 44.75 0.19 -13.45
C23 4CC E . 46.15 -2.72 -15.56
C25 4CC E . 36.83 -2.05 -12.82
C27 4CC E . 44.49 0.34 -12.17
C29 4CC E . 36.31 -3.32 -12.53
C30 4CC E . 43.53 -0.45 -11.54
O31 4CC E . 47.97 -4.25 -15.63
O32 4CC E . 48.46 -2.19 -15.74
C33 4CC E . 36.48 -3.85 -11.15
N34 4CC E . 36.70 -3.02 -10.13
N35 4CC E . 36.39 -5.16 -10.96
C1 GOL F . 42.97 3.30 -13.38
O1 GOL F . 42.83 4.07 -14.56
C2 GOL F . 42.55 4.17 -12.22
O2 GOL F . 43.39 5.30 -12.14
C3 GOL F . 42.52 3.39 -10.91
O3 GOL F . 42.43 4.29 -9.85
C1 GOL G . -6.55 -14.52 9.36
O1 GOL G . -7.10 -13.22 9.18
C2 GOL G . -5.16 -14.47 9.96
O2 GOL G . -4.40 -13.31 9.69
C3 GOL G . -4.39 -15.79 9.96
O3 GOL G . -3.19 -15.72 9.23
C1 GOL H . -1.51 -15.39 20.25
O1 GOL H . -2.84 -14.97 20.07
C2 GOL H . -1.18 -15.49 21.73
O2 GOL H . -1.62 -16.68 22.33
C3 GOL H . -1.59 -14.27 22.55
O3 GOL H . -0.89 -13.17 22.05
C1 GOL I . 37.31 8.07 -15.20
O1 GOL I . 37.83 7.24 -14.16
C2 GOL I . 36.92 9.45 -14.67
O2 GOL I . 35.51 9.64 -14.69
C3 GOL I . 37.59 10.57 -15.46
O3 GOL I . 37.09 11.83 -15.07
C1 GOL J . -17.68 7.04 -34.98
O1 GOL J . -17.40 5.77 -35.49
C2 GOL J . -16.43 7.89 -35.16
O2 GOL J . -15.95 7.86 -36.48
C3 GOL J . -16.66 9.33 -34.83
O3 GOL J . -17.16 9.41 -33.54
C1 GOL K . -16.75 14.74 -36.73
O1 GOL K . -18.01 15.18 -37.18
C2 GOL K . -16.29 15.68 -35.64
O2 GOL K . -15.72 16.85 -36.19
C3 GOL K . -15.29 15.03 -34.69
O3 GOL K . -15.92 14.92 -33.43
N3 4CC L . -20.81 -12.79 -33.35
C4 4CC L . -23.05 -13.30 -34.45
C5 4CC L . -22.30 -11.16 -36.11
C7 4CC L . -19.85 -11.88 -33.64
C8 4CC L . -20.79 -13.76 -32.24
C10 4CC L . -23.51 -11.82 -36.28
C17 4CC L . -26.32 -10.99 -35.94
C20 4CC L . -20.35 -9.63 -31.59
C21 4CC L . -25.77 -10.05 -35.06
C24 4CC L . -19.53 -7.00 -31.47
C26 4CC L . -26.37 -9.83 -33.82
C28 4CC L . -27.70 -9.50 -39.84
C1 4CC L . -21.83 -12.65 -34.25
C2 4CC L . -21.44 -11.57 -35.09
N6 4CC L . -20.23 -11.14 -34.64
C9 4CC L . -23.88 -12.89 -35.45
C11 4CC L . -18.60 -11.65 -32.82
C12 4CC L . -24.41 -11.35 -37.37
N13 4CC L . -18.29 -10.21 -32.77
N14 4CC L . -25.75 -11.30 -37.17
O15 4CC L . -23.88 -11.01 -38.42
C16 4CC L . -19.12 -9.26 -32.15
C18 4CC L . -26.62 -11.14 -38.35
C19 4CC L . -18.71 -7.91 -32.08
N22 4CC L . -27.40 -11.69 -35.56
C23 4CC L . -26.88 -9.65 -38.59
C25 4CC L . -21.19 -8.71 -31.01
C27 4CC L . -28.01 -11.48 -34.41
C29 4CC L . -20.78 -7.36 -30.94
C30 4CC L . -27.52 -10.56 -33.49
O31 4CC L . -28.12 -10.49 -40.44
O32 4CC L . -27.93 -8.38 -40.27
C33 4CC L . -21.64 -6.37 -30.24
N34 4CC L . -22.52 -6.76 -29.31
N35 4CC L . -21.56 -5.06 -30.53
C1 GOL M . -13.66 11.33 -5.57
O1 GOL M . -12.80 10.54 -6.36
C2 GOL M . -13.31 12.82 -5.71
O2 GOL M . -12.25 13.19 -4.84
C3 GOL M . -14.53 13.66 -5.38
O3 GOL M . -14.92 13.42 -4.03
C1 GOL N . 1.54 14.49 6.35
O1 GOL N . 0.34 15.21 6.13
C2 GOL N . 1.33 13.60 7.57
O2 GOL N . 1.15 14.39 8.75
C3 GOL N . 2.49 12.61 7.70
O3 GOL N . 2.23 11.78 8.81
#